data_3A5R
#
_entry.id   3A5R
#
_cell.length_a   54.622
_cell.length_b   89.847
_cell.length_c   81.100
_cell.angle_alpha   90.00
_cell.angle_beta   100.45
_cell.angle_gamma   90.00
#
_symmetry.space_group_name_H-M   'P 1 21 1'
#
loop_
_entity.id
_entity.type
_entity.pdbx_description
1 polymer 'Benzalacetone synthase'
2 non-polymer "4'-HYDROXYCINNAMIC ACID"
3 water water
#
_entity_poly.entity_id   1
_entity_poly.type   'polypeptide(L)'
_entity_poly.pdbx_seq_one_letter_code
;GPGMATEEMKKLATVMAIGTANPPNCYYQADFPDFYFRVTNSDHLINLKQKFKRLCENSRIEKRYLHVTEEILKENPNIA
AYEATSLNVRHKMQVKGVAELGKEAALKAIKEWGQPKSKITHLIVCCLAGVDMPGADYQLTKLLDLDPSVKRFMFYHLGC
YAGGTVLRLAKDIAENNKGARVLIVCSEMTTTCFRGPSETHLDSMIGQAILGDGAAAVIVGADPDLTVERPIFELVSTAQ
TIVPESHGAIEGHLLESGLSFHLYKTVPTLISNNIKTCLSDAFTPLNISDWNSLFWIAHPGGPAILDQVTAKVGLEKEKL
KVTRQVLKDYGNMSSATVFFIMDEMRKKSLENGQATTGEGLEWGVLFGFGPGITVETVVLRSVPVIS
;
_entity_poly.pdbx_strand_id   A,B
#
loop_
_chem_comp.id
_chem_comp.type
_chem_comp.name
_chem_comp.formula
HC4 non-polymer '4'-HYDROXYCINNAMIC ACID' 'C9 H8 O3'
#
# COMPACT_ATOMS: atom_id res chain seq x y z
N LYS A 11 11.22 25.41 -1.79
CA LYS A 11 11.81 24.63 -0.66
C LYS A 11 11.50 23.15 -0.84
N LEU A 12 12.54 22.38 -1.13
CA LEU A 12 12.43 20.96 -1.40
C LEU A 12 12.33 20.08 -0.17
N ALA A 13 11.65 18.95 -0.33
CA ALA A 13 11.51 17.96 0.74
C ALA A 13 12.91 17.44 0.98
N THR A 14 13.29 17.39 2.25
CA THR A 14 14.63 17.01 2.63
C THR A 14 14.67 15.84 3.61
N VAL A 15 15.60 14.92 3.35
CA VAL A 15 15.84 13.78 4.24
C VAL A 15 16.71 14.39 5.33
N MET A 16 16.21 14.36 6.56
CA MET A 16 16.94 14.94 7.69
C MET A 16 17.34 13.97 8.79
N ALA A 17 17.08 12.68 8.57
CA ALA A 17 17.41 11.63 9.52
C ALA A 17 17.29 10.29 8.87
N ILE A 18 18.22 9.39 9.21
CA ILE A 18 18.19 8.00 8.71
C ILE A 18 18.56 7.10 9.89
N GLY A 19 17.77 6.05 10.06
CA GLY A 19 18.01 5.09 11.13
C GLY A 19 17.81 3.71 10.56
N THR A 20 18.67 2.77 10.94
CA THR A 20 18.58 1.41 10.43
C THR A 20 18.57 0.35 11.52
N ALA A 21 18.03 -0.82 11.19
CA ALA A 21 17.93 -1.95 12.12
C ALA A 21 17.98 -3.24 11.35
N ASN A 22 18.51 -4.28 12.00
CA ASN A 22 18.64 -5.61 11.40
C ASN A 22 18.42 -6.66 12.48
N PRO A 23 17.97 -7.88 12.11
CA PRO A 23 17.76 -8.94 13.12
C PRO A 23 19.13 -9.28 13.73
N PRO A 24 19.16 -9.75 15.00
CA PRO A 24 20.44 -10.08 15.65
C PRO A 24 21.25 -11.27 15.11
N ASN A 25 20.59 -12.13 14.35
CA ASN A 25 21.22 -13.32 13.79
C ASN A 25 22.00 -13.02 12.52
N CYS A 26 23.33 -13.06 12.64
CA CYS A 26 24.21 -12.79 11.51
C CYS A 26 24.64 -14.08 10.83
N TYR A 27 24.47 -14.08 9.50
CA TYR A 27 24.81 -15.25 8.68
C TYR A 27 25.88 -14.91 7.66
N TYR A 28 27.07 -15.44 7.88
CA TYR A 28 28.18 -15.25 6.95
C TYR A 28 27.95 -16.12 5.74
N GLN A 29 27.99 -15.50 4.57
CA GLN A 29 27.74 -16.14 3.29
C GLN A 29 28.63 -17.34 2.95
N ALA A 30 29.86 -17.34 3.49
CA ALA A 30 30.81 -18.43 3.27
C ALA A 30 30.36 -19.70 4.01
N ASP A 31 29.55 -19.51 5.05
CA ASP A 31 29.03 -20.59 5.87
C ASP A 31 27.55 -20.88 5.62
N PHE A 32 26.91 -20.06 4.77
CA PHE A 32 25.48 -20.24 4.47
C PHE A 32 25.07 -21.50 3.68
N PRO A 33 25.86 -21.94 2.65
CA PRO A 33 25.43 -23.15 1.93
C PRO A 33 25.37 -24.39 2.81
N ASP A 34 26.25 -24.44 3.81
CA ASP A 34 26.31 -25.53 4.78
C ASP A 34 25.15 -25.44 5.78
N PHE A 35 24.80 -24.22 6.19
CA PHE A 35 23.71 -23.98 7.14
C PHE A 35 22.36 -24.31 6.48
N TYR A 36 22.12 -23.70 5.32
CA TYR A 36 20.89 -23.86 4.54
C TYR A 36 20.51 -25.30 4.22
N PHE A 37 21.47 -26.09 3.73
CA PHE A 37 21.23 -27.48 3.39
C PHE A 37 21.09 -28.45 4.57
N ARG A 38 21.63 -28.05 5.72
CA ARG A 38 21.57 -28.85 6.94
C ARG A 38 20.23 -28.69 7.66
N VAL A 39 19.77 -27.43 7.80
CA VAL A 39 18.52 -27.12 8.49
C VAL A 39 17.24 -27.48 7.71
N THR A 40 17.37 -27.60 6.39
CA THR A 40 16.25 -27.96 5.53
C THR A 40 16.27 -29.46 5.19
N ASN A 41 17.19 -30.18 5.84
CA ASN A 41 17.41 -31.64 5.69
C ASN A 41 17.63 -32.06 4.24
N SER A 42 18.46 -31.30 3.54
CA SER A 42 18.76 -31.53 2.13
C SER A 42 20.24 -31.82 1.85
N ASP A 43 20.94 -32.41 2.84
CA ASP A 43 22.36 -32.75 2.73
C ASP A 43 22.66 -33.84 1.69
N HIS A 44 21.63 -34.59 1.31
CA HIS A 44 21.73 -35.67 0.32
C HIS A 44 21.74 -35.18 -1.13
N LEU A 45 21.34 -33.92 -1.32
CA LEU A 45 21.32 -33.27 -2.64
C LEU A 45 22.65 -32.57 -2.88
N ILE A 46 23.65 -33.36 -3.28
CA ILE A 46 25.02 -32.91 -3.55
C ILE A 46 25.13 -32.03 -4.81
N ASN A 47 24.42 -32.42 -5.86
CA ASN A 47 24.42 -31.71 -7.15
C ASN A 47 23.78 -30.31 -7.05
N LEU A 48 22.78 -30.19 -6.18
CA LEU A 48 22.07 -28.94 -5.96
C LEU A 48 22.82 -28.03 -4.98
N LYS A 49 23.69 -28.63 -4.16
CA LYS A 49 24.49 -27.89 -3.17
C LYS A 49 25.62 -27.12 -3.86
N GLN A 50 26.17 -27.72 -4.91
CA GLN A 50 27.26 -27.12 -5.70
C GLN A 50 26.74 -25.92 -6.50
N LYS A 51 25.45 -25.97 -6.86
CA LYS A 51 24.78 -24.91 -7.60
C LYS A 51 24.48 -23.72 -6.69
N PHE A 52 24.23 -24.01 -5.41
CA PHE A 52 23.94 -22.98 -4.42
C PHE A 52 25.24 -22.33 -3.91
N LYS A 53 26.33 -23.10 -3.92
CA LYS A 53 27.65 -22.61 -3.51
C LYS A 53 28.12 -21.59 -4.55
N ARG A 54 27.79 -21.88 -5.81
CA ARG A 54 28.11 -21.04 -6.97
C ARG A 54 27.35 -19.71 -6.88
N LEU A 55 26.08 -19.78 -6.47
CA LEU A 55 25.21 -18.60 -6.32
C LEU A 55 25.63 -17.71 -5.16
N CYS A 56 26.03 -18.33 -4.04
CA CYS A 56 26.46 -17.61 -2.85
C CYS A 56 27.85 -16.96 -2.97
N GLU A 57 28.77 -17.63 -3.65
CA GLU A 57 30.13 -17.12 -3.86
C GLU A 57 30.17 -15.99 -4.89
N ASN A 58 29.22 -16.02 -5.82
CA ASN A 58 29.11 -15.00 -6.86
C ASN A 58 28.10 -13.90 -6.54
N SER A 59 27.48 -13.99 -5.36
CA SER A 59 26.48 -12.99 -4.93
C SER A 59 27.09 -11.67 -4.47
N ARG A 60 28.39 -11.69 -4.15
CA ARG A 60 29.17 -10.55 -3.66
C ARG A 60 28.67 -10.04 -2.31
N ILE A 61 28.08 -10.97 -1.55
CA ILE A 61 27.54 -10.72 -0.21
C ILE A 61 28.46 -11.47 0.76
N GLU A 62 28.89 -10.79 1.81
CA GLU A 62 29.75 -11.39 2.83
C GLU A 62 28.89 -11.87 3.99
N LYS A 63 27.87 -11.08 4.34
CA LYS A 63 26.98 -11.41 5.45
C LYS A 63 25.59 -10.81 5.30
N ARG A 64 24.62 -11.46 5.95
CA ARG A 64 23.23 -11.04 5.98
C ARG A 64 22.68 -11.27 7.37
N TYR A 65 21.65 -10.51 7.72
CA TYR A 65 21.00 -10.63 9.01
C TYR A 65 19.60 -11.13 8.72
N LEU A 66 19.27 -12.30 9.26
CA LEU A 66 17.98 -12.92 9.03
C LEU A 66 17.26 -13.26 10.33
N HIS A 67 15.93 -13.20 10.29
CA HIS A 67 15.12 -13.52 11.47
C HIS A 67 15.06 -15.04 11.67
N VAL A 68 15.13 -15.80 10.58
CA VAL A 68 15.10 -17.26 10.64
C VAL A 68 16.33 -17.82 11.34
N THR A 69 16.08 -18.78 12.22
CA THR A 69 17.12 -19.46 12.99
C THR A 69 16.88 -20.96 12.83
N GLU A 70 17.80 -21.77 13.38
CA GLU A 70 17.69 -23.23 13.34
C GLU A 70 16.52 -23.67 14.23
N GLU A 71 16.34 -22.96 15.33
CA GLU A 71 15.29 -23.21 16.32
C GLU A 71 13.87 -23.00 15.76
N ILE A 72 13.73 -22.00 14.89
CA ILE A 72 12.45 -21.67 14.24
C ILE A 72 12.06 -22.73 13.21
N LEU A 73 13.07 -23.24 12.49
CA LEU A 73 12.87 -24.27 11.47
C LEU A 73 12.62 -25.68 12.04
N LYS A 74 13.05 -25.89 13.28
CA LYS A 74 12.87 -27.17 13.99
C LYS A 74 11.47 -27.23 14.61
N GLU A 75 10.97 -26.07 15.04
CA GLU A 75 9.65 -25.93 15.64
C GLU A 75 8.56 -25.85 14.56
N ASN A 76 8.96 -25.38 13.37
CA ASN A 76 8.08 -25.24 12.22
C ASN A 76 8.74 -25.95 11.01
N PRO A 77 8.54 -27.28 10.86
CA PRO A 77 9.14 -28.03 9.74
C PRO A 77 8.54 -27.72 8.35
N ASN A 78 7.38 -27.08 8.35
CA ASN A 78 6.67 -26.70 7.12
C ASN A 78 7.32 -25.52 6.37
N ILE A 79 8.19 -24.79 7.06
CA ILE A 79 8.92 -23.65 6.49
C ILE A 79 10.23 -24.18 5.89
N ALA A 80 10.73 -25.28 6.45
CA ALA A 80 11.96 -25.94 6.00
C ALA A 80 11.81 -26.66 4.67
N ALA A 81 10.57 -26.94 4.28
CA ALA A 81 10.25 -27.60 3.01
C ALA A 81 10.03 -26.54 1.93
N TYR A 82 10.01 -26.97 0.67
CA TYR A 82 9.79 -26.03 -0.46
C TYR A 82 8.34 -25.55 -0.50
N GLU A 83 7.43 -26.47 -0.80
CA GLU A 83 6.01 -26.14 -0.87
C GLU A 83 5.23 -26.95 0.15
N ALA A 84 4.73 -26.25 1.16
CA ALA A 84 3.94 -26.81 2.24
C ALA A 84 3.03 -25.68 2.71
N THR A 85 1.88 -26.03 3.27
CA THR A 85 0.91 -25.05 3.78
C THR A 85 1.52 -24.40 5.03
N SER A 86 2.23 -23.29 4.80
CA SER A 86 2.95 -22.58 5.86
C SER A 86 2.75 -21.08 6.05
N LEU A 87 1.83 -20.47 5.31
CA LEU A 87 1.62 -19.02 5.42
C LEU A 87 1.25 -18.51 6.82
N ASN A 88 0.37 -19.21 7.53
CA ASN A 88 -0.05 -18.80 8.88
C ASN A 88 1.06 -18.65 9.90
N VAL A 89 1.99 -19.61 9.91
CA VAL A 89 3.13 -19.57 10.84
C VAL A 89 4.16 -18.51 10.43
N ARG A 90 4.26 -18.26 9.12
CA ARG A 90 5.17 -17.24 8.58
C ARG A 90 4.61 -15.86 8.88
N HIS A 91 3.30 -15.70 8.65
CA HIS A 91 2.54 -14.46 8.87
C HIS A 91 2.65 -13.95 10.31
N LYS A 92 2.52 -14.86 11.28
CA LYS A 92 2.60 -14.54 12.71
C LYS A 92 3.96 -13.91 13.06
N MET A 93 5.03 -14.48 12.52
CA MET A 93 6.39 -13.98 12.75
C MET A 93 6.67 -12.73 11.94
N GLN A 94 6.16 -12.68 10.72
CA GLN A 94 6.34 -11.56 9.80
C GLN A 94 5.71 -10.25 10.32
N VAL A 95 4.46 -10.34 10.80
CA VAL A 95 3.74 -9.18 11.33
C VAL A 95 4.45 -8.58 12.56
N LYS A 96 4.94 -9.45 13.43
CA LYS A 96 5.65 -9.04 14.65
C LYS A 96 7.06 -8.55 14.33
N GLY A 97 7.71 -9.24 13.39
CA GLY A 97 9.07 -8.90 12.99
C GLY A 97 9.23 -7.56 12.28
N VAL A 98 8.32 -7.24 11.36
CA VAL A 98 8.38 -5.98 10.63
C VAL A 98 8.16 -4.77 11.55
N ALA A 99 7.28 -4.96 12.54
CA ALA A 99 6.96 -3.92 13.51
C ALA A 99 8.11 -3.67 14.49
N GLU A 100 8.72 -4.75 14.98
CA GLU A 100 9.83 -4.69 15.93
C GLU A 100 11.09 -4.08 15.31
N LEU A 101 11.40 -4.50 14.08
CA LEU A 101 12.56 -4.00 13.34
C LEU A 101 12.32 -2.55 12.94
N GLY A 102 11.09 -2.27 12.54
CA GLY A 102 10.70 -0.93 12.13
C GLY A 102 10.75 0.08 13.25
N LYS A 103 10.40 -0.36 14.46
CA LYS A 103 10.42 0.48 15.66
C LYS A 103 11.83 0.89 16.00
N GLU A 104 12.76 -0.08 15.93
CA GLU A 104 14.17 0.15 16.23
C GLU A 104 14.77 1.17 15.26
N ALA A 105 14.47 1.02 13.97
CA ALA A 105 14.96 1.92 12.93
C ALA A 105 14.36 3.32 13.11
N ALA A 106 13.07 3.36 13.43
CA ALA A 106 12.34 4.61 13.64
C ALA A 106 12.89 5.41 14.80
N LEU A 107 13.20 4.75 15.91
CA LEU A 107 13.74 5.40 17.09
C LEU A 107 15.10 6.04 16.81
N LYS A 108 15.90 5.36 15.98
CA LYS A 108 17.22 5.86 15.59
C LYS A 108 17.09 7.07 14.68
N ALA A 109 16.11 7.02 13.77
CA ALA A 109 15.85 8.14 12.85
C ALA A 109 15.34 9.35 13.63
N ILE A 110 14.41 9.10 14.57
CA ILE A 110 13.84 10.16 15.41
C ILE A 110 14.93 10.82 16.25
N LYS A 111 15.88 10.03 16.74
CA LYS A 111 16.99 10.55 17.55
C LYS A 111 17.86 11.51 16.74
N GLU A 112 18.27 11.09 15.53
CA GLU A 112 19.11 11.93 14.66
C GLU A 112 18.40 13.22 14.28
N TRP A 113 17.11 13.11 14.01
CA TRP A 113 16.27 14.24 13.62
C TRP A 113 16.35 15.39 14.64
N GLY A 114 16.35 15.04 15.92
CA GLY A 114 16.46 16.02 16.99
C GLY A 114 15.20 16.69 17.50
N GLN A 115 14.07 16.37 16.89
CA GLN A 115 12.79 16.95 17.30
C GLN A 115 11.96 15.88 17.99
N PRO A 116 11.03 16.26 18.88
CA PRO A 116 10.21 15.24 19.56
C PRO A 116 9.30 14.50 18.57
N LYS A 117 9.03 13.23 18.84
CA LYS A 117 8.20 12.39 17.98
C LYS A 117 6.77 12.91 17.79
N SER A 118 6.36 13.80 18.69
CA SER A 118 5.02 14.44 18.65
C SER A 118 4.89 15.37 17.43
N LYS A 119 6.03 15.74 16.85
CA LYS A 119 6.05 16.62 15.67
C LYS A 119 5.93 15.84 14.35
N ILE A 120 5.86 14.51 14.43
CA ILE A 120 5.68 13.67 13.24
C ILE A 120 4.20 13.78 12.89
N THR A 121 3.94 14.26 11.69
CA THR A 121 2.59 14.47 11.20
C THR A 121 2.12 13.37 10.26
N HIS A 122 3.08 12.73 9.58
CA HIS A 122 2.79 11.66 8.61
C HIS A 122 3.69 10.46 8.80
N LEU A 123 3.13 9.28 8.52
CA LEU A 123 3.87 8.03 8.65
C LEU A 123 3.66 7.18 7.40
N ILE A 124 4.75 6.82 6.75
CA ILE A 124 4.70 5.97 5.56
C ILE A 124 5.41 4.67 5.93
N VAL A 125 4.70 3.56 5.83
CA VAL A 125 5.31 2.27 6.14
C VAL A 125 5.24 1.40 4.90
N CYS A 126 6.36 0.75 4.63
CA CYS A 126 6.50 -0.13 3.49
C CYS A 126 7.07 -1.46 3.92
N CYS A 127 6.31 -2.52 3.66
CA CYS A 127 6.71 -3.88 4.01
C CYS A 127 6.49 -4.81 2.84
N LEU A 128 7.53 -5.58 2.50
CA LEU A 128 7.52 -6.57 1.40
C LEU A 128 6.37 -7.55 1.64
N ALA A 129 6.20 -7.94 2.90
CA ALA A 129 5.15 -8.85 3.32
C ALA A 129 4.85 -8.63 4.78
N GLY A 130 3.72 -9.17 5.22
CA GLY A 130 3.28 -9.04 6.60
C GLY A 130 1.92 -8.42 6.68
N VAL A 131 1.10 -8.68 5.66
CA VAL A 131 -0.26 -8.17 5.56
C VAL A 131 -1.07 -8.36 6.85
N ASP A 132 -1.60 -7.25 7.33
CA ASP A 132 -2.43 -7.25 8.52
C ASP A 132 -3.33 -6.03 8.46
N MET A 133 -4.54 -6.18 8.99
CA MET A 133 -5.54 -5.12 9.01
C MET A 133 -6.01 -5.00 10.46
N PRO A 134 -5.63 -3.91 11.17
CA PRO A 134 -4.79 -2.77 10.79
C PRO A 134 -3.31 -3.14 10.61
N GLY A 135 -2.65 -2.42 9.72
CA GLY A 135 -1.27 -2.70 9.38
C GLY A 135 -0.13 -2.30 10.29
N ALA A 136 1.07 -2.44 9.72
CA ALA A 136 2.32 -2.11 10.39
C ALA A 136 2.39 -0.63 10.73
N ASP A 137 1.66 0.19 9.95
CA ASP A 137 1.60 1.64 10.18
C ASP A 137 0.88 1.93 11.50
N TYR A 138 -0.19 1.20 11.75
CA TYR A 138 -0.97 1.32 12.96
C TYR A 138 -0.12 0.81 14.12
N GLN A 139 0.50 -0.36 13.93
CA GLN A 139 1.35 -0.98 14.95
C GLN A 139 2.49 -0.05 15.37
N LEU A 140 3.12 0.58 14.37
CA LEU A 140 4.22 1.50 14.65
C LEU A 140 3.75 2.78 15.31
N THR A 141 2.52 3.22 15.01
CA THR A 141 1.96 4.42 15.63
C THR A 141 1.77 4.15 17.12
N LYS A 142 1.33 2.94 17.45
CA LYS A 142 1.12 2.52 18.83
C LYS A 142 2.42 2.25 19.58
N LEU A 143 3.36 1.56 18.91
CA LEU A 143 4.66 1.21 19.50
C LEU A 143 5.55 2.41 19.78
N LEU A 144 5.50 3.39 18.87
CA LEU A 144 6.29 4.61 19.00
C LEU A 144 5.55 5.72 19.73
N ASP A 145 4.28 5.46 20.07
CA ASP A 145 3.39 6.40 20.76
C ASP A 145 3.30 7.75 20.01
N LEU A 146 3.08 7.64 18.70
CA LEU A 146 2.95 8.82 17.85
C LEU A 146 1.56 9.39 18.04
N ASP A 147 1.35 10.58 17.52
CA ASP A 147 0.06 11.26 17.58
C ASP A 147 -0.97 10.32 16.91
N PRO A 148 -2.11 10.03 17.58
CA PRO A 148 -3.12 9.15 16.98
C PRO A 148 -3.67 9.69 15.66
N SER A 149 -3.47 10.99 15.46
CA SER A 149 -3.88 11.69 14.25
C SER A 149 -2.80 11.77 13.18
N VAL A 150 -1.75 10.96 13.34
CA VAL A 150 -0.65 10.90 12.36
C VAL A 150 -1.29 10.36 11.06
N LYS A 151 -0.98 11.01 9.94
CA LYS A 151 -1.53 10.64 8.65
C LYS A 151 -0.69 9.52 8.07
N ARG A 152 -1.29 8.34 8.05
CA ARG A 152 -0.60 7.13 7.61
C ARG A 152 -0.84 6.62 6.21
N PHE A 153 0.22 6.02 5.68
CA PHE A 153 0.21 5.38 4.37
C PHE A 153 0.90 4.05 4.58
N MET A 154 0.18 2.98 4.24
CA MET A 154 0.68 1.62 4.41
C MET A 154 0.80 0.92 3.08
N PHE A 155 2.02 0.48 2.77
CA PHE A 155 2.33 -0.22 1.53
C PHE A 155 2.80 -1.64 1.73
N TYR A 156 1.96 -2.58 1.33
CA TYR A 156 2.30 -3.99 1.41
C TYR A 156 2.55 -4.51 0.01
N HIS A 157 3.54 -5.40 -0.10
CA HIS A 157 3.88 -6.06 -1.35
C HIS A 157 4.23 -5.25 -2.59
N LEU A 158 5.06 -4.22 -2.40
CA LEU A 158 5.51 -3.42 -3.53
C LEU A 158 6.80 -4.05 -4.03
N GLY A 159 7.71 -4.27 -3.08
CA GLY A 159 8.98 -4.87 -3.44
C GLY A 159 10.15 -3.93 -3.42
N CYS A 160 11.18 -4.36 -4.13
CA CYS A 160 12.46 -3.68 -4.22
C CYS A 160 12.60 -2.25 -4.75
N TYR A 161 11.58 -1.75 -5.42
CA TYR A 161 11.61 -0.38 -5.95
C TYR A 161 11.09 0.63 -4.96
N ALA A 162 10.41 0.12 -3.94
CA ALA A 162 9.74 0.93 -2.95
C ALA A 162 10.49 2.00 -2.17
N GLY A 163 11.82 1.93 -2.19
CA GLY A 163 12.64 2.94 -1.53
C GLY A 163 12.42 4.27 -2.25
N GLY A 164 12.25 4.18 -3.57
CA GLY A 164 11.98 5.36 -4.38
C GLY A 164 10.53 5.80 -4.24
N THR A 165 9.62 4.84 -4.12
CA THR A 165 8.17 5.10 -3.97
C THR A 165 7.86 5.90 -2.73
N VAL A 166 8.47 5.51 -1.62
CA VAL A 166 8.24 6.19 -0.34
C VAL A 166 8.79 7.60 -0.32
N LEU A 167 9.90 7.82 -1.03
CA LEU A 167 10.49 9.16 -1.13
C LEU A 167 9.65 10.03 -2.04
N ARG A 168 9.09 9.40 -3.08
CA ARG A 168 8.22 10.06 -4.04
C ARG A 168 6.97 10.57 -3.34
N LEU A 169 6.46 9.74 -2.44
CA LEU A 169 5.29 10.06 -1.65
C LEU A 169 5.62 11.15 -0.62
N ALA A 170 6.70 10.94 0.13
CA ALA A 170 7.13 11.88 1.16
C ALA A 170 7.42 13.26 0.62
N LYS A 171 7.93 13.32 -0.61
CA LYS A 171 8.23 14.58 -1.26
C LYS A 171 6.97 15.44 -1.44
N ASP A 172 5.92 14.84 -1.98
CA ASP A 172 4.66 15.55 -2.21
C ASP A 172 3.93 15.91 -0.92
N ILE A 173 4.05 15.05 0.09
CA ILE A 173 3.43 15.31 1.38
C ILE A 173 4.10 16.51 2.07
N ALA A 174 5.43 16.45 2.18
CA ALA A 174 6.24 17.47 2.84
C ALA A 174 6.14 18.84 2.20
N GLU A 175 6.10 18.87 0.87
CA GLU A 175 6.03 20.12 0.12
C GLU A 175 4.65 20.75 0.01
N ASN A 176 3.60 19.94 0.20
CA ASN A 176 2.25 20.46 0.12
C ASN A 176 1.62 20.77 1.46
N ASN A 177 2.29 20.37 2.54
CA ASN A 177 1.79 20.60 3.89
C ASN A 177 2.86 21.31 4.70
N LYS A 178 2.63 22.59 4.97
CA LYS A 178 3.57 23.42 5.75
C LYS A 178 3.81 22.85 7.13
N GLY A 179 5.08 22.58 7.42
CA GLY A 179 5.48 22.04 8.71
C GLY A 179 5.38 20.53 8.82
N ALA A 180 4.92 19.86 7.76
CA ALA A 180 4.78 18.41 7.76
C ALA A 180 6.12 17.71 7.93
N ARG A 181 6.13 16.74 8.83
CA ARG A 181 7.33 15.96 9.11
C ARG A 181 6.93 14.51 8.97
N VAL A 182 7.46 13.90 7.92
CA VAL A 182 7.16 12.53 7.54
C VAL A 182 8.17 11.49 8.00
N LEU A 183 7.66 10.48 8.70
CA LEU A 183 8.50 9.37 9.12
C LEU A 183 8.22 8.23 8.14
N ILE A 184 9.27 7.76 7.48
CA ILE A 184 9.14 6.66 6.55
C ILE A 184 9.80 5.48 7.22
N VAL A 185 9.14 4.32 7.17
CA VAL A 185 9.70 3.10 7.73
C VAL A 185 9.56 2.00 6.69
N CYS A 186 10.70 1.52 6.19
CA CYS A 186 10.73 0.43 5.23
C CYS A 186 11.26 -0.73 6.04
N SER A 187 10.39 -1.68 6.36
CA SER A 187 10.76 -2.81 7.18
C SER A 187 10.62 -4.12 6.42
N GLU A 188 11.77 -4.66 6.04
CA GLU A 188 11.83 -5.87 5.23
C GLU A 188 12.31 -7.12 5.95
N MET A 189 11.47 -8.14 5.92
CA MET A 189 11.74 -9.41 6.56
C MET A 189 11.46 -10.49 5.51
N THR A 190 12.38 -11.45 5.40
CA THR A 190 12.28 -12.52 4.41
C THR A 190 11.87 -13.90 4.91
N THR A 191 11.29 -13.96 6.12
CA THR A 191 10.83 -15.22 6.72
C THR A 191 9.65 -15.76 5.90
N THR A 192 8.99 -14.83 5.20
CA THR A 192 7.85 -15.13 4.33
C THR A 192 8.27 -15.90 3.08
N CYS A 193 9.50 -15.65 2.62
CA CYS A 193 10.01 -16.32 1.42
C CYS A 193 11.08 -17.37 1.66
N PHE A 194 11.40 -17.65 2.93
CA PHE A 194 12.41 -18.66 3.26
C PHE A 194 11.82 -20.06 3.11
N ARG A 195 12.42 -20.85 2.22
CA ARG A 195 11.97 -22.22 1.96
C ARG A 195 13.13 -23.13 1.58
N GLY A 196 12.86 -24.43 1.60
CA GLY A 196 13.87 -25.41 1.24
C GLY A 196 14.11 -25.51 -0.25
N PRO A 197 15.23 -26.12 -0.70
CA PRO A 197 15.51 -26.23 -2.14
C PRO A 197 14.77 -27.38 -2.84
N SER A 198 14.63 -27.26 -4.15
CA SER A 198 13.95 -28.27 -4.98
C SER A 198 14.70 -28.41 -6.30
N GLU A 199 14.82 -29.65 -6.78
CA GLU A 199 15.51 -29.96 -8.04
C GLU A 199 14.68 -29.59 -9.26
N THR A 200 13.35 -29.55 -9.07
CA THR A 200 12.41 -29.21 -10.14
C THR A 200 12.20 -27.71 -10.32
N HIS A 201 12.64 -26.93 -9.32
CA HIS A 201 12.53 -25.47 -9.33
C HIS A 201 13.90 -24.82 -9.16
N LEU A 202 14.14 -23.74 -9.91
CA LEU A 202 15.41 -23.01 -9.87
C LEU A 202 15.29 -21.49 -9.72
N ASP A 203 14.05 -21.02 -9.55
CA ASP A 203 13.78 -19.58 -9.41
C ASP A 203 13.77 -19.05 -7.98
N SER A 204 13.27 -19.87 -7.04
CA SER A 204 13.17 -19.48 -5.64
C SER A 204 14.44 -19.71 -4.81
N MET A 205 15.39 -20.46 -5.34
CA MET A 205 16.65 -20.75 -4.64
C MET A 205 17.65 -19.59 -4.72
N ILE A 206 17.44 -18.71 -5.71
CA ILE A 206 18.28 -17.52 -5.93
C ILE A 206 18.04 -16.50 -4.80
N GLY A 207 16.78 -16.40 -4.37
CA GLY A 207 16.38 -15.49 -3.31
C GLY A 207 16.89 -15.86 -1.93
N GLN A 208 17.19 -17.15 -1.73
CA GLN A 208 17.71 -17.66 -0.46
C GLN A 208 19.17 -17.27 -0.26
N ALA A 209 19.83 -16.93 -1.36
CA ALA A 209 21.24 -16.54 -1.35
C ALA A 209 21.45 -15.01 -1.35
N ILE A 210 20.49 -14.27 -1.90
CA ILE A 210 20.61 -12.82 -2.02
C ILE A 210 19.81 -11.97 -1.01
N LEU A 211 18.61 -12.41 -0.64
CA LEU A 211 17.75 -11.65 0.27
C LEU A 211 18.10 -11.63 1.75
N GLY A 212 18.20 -10.42 2.29
CA GLY A 212 18.51 -10.22 3.70
C GLY A 212 17.41 -9.41 4.37
N ASP A 213 17.43 -9.39 5.70
CA ASP A 213 16.41 -8.64 6.45
C ASP A 213 16.99 -7.33 6.96
N GLY A 214 16.11 -6.34 7.08
CA GLY A 214 16.53 -5.05 7.57
C GLY A 214 15.44 -4.03 7.48
N ALA A 215 15.55 -3.02 8.34
CA ALA A 215 14.60 -1.93 8.36
C ALA A 215 15.36 -0.63 8.31
N ALA A 216 14.76 0.33 7.63
CA ALA A 216 15.36 1.65 7.51
C ALA A 216 14.25 2.65 7.68
N ALA A 217 14.56 3.71 8.41
CA ALA A 217 13.59 4.77 8.64
C ALA A 217 14.21 6.10 8.36
N VAL A 218 13.44 6.99 7.75
CA VAL A 218 13.92 8.33 7.46
C VAL A 218 12.89 9.38 7.81
N ILE A 219 13.37 10.58 8.13
CA ILE A 219 12.48 11.70 8.41
C ILE A 219 12.64 12.62 7.20
N VAL A 220 11.51 12.98 6.61
CA VAL A 220 11.47 13.88 5.46
C VAL A 220 10.61 15.09 5.81
N GLY A 221 11.11 16.25 5.45
CA GLY A 221 10.39 17.47 5.70
C GLY A 221 10.92 18.60 4.85
N ALA A 222 10.03 19.54 4.51
CA ALA A 222 10.43 20.71 3.73
C ALA A 222 10.62 21.85 4.72
N ASP A 223 11.40 22.85 4.31
CA ASP A 223 11.71 24.04 5.12
C ASP A 223 12.31 23.65 6.48
N PRO A 224 13.56 23.13 6.49
CA PRO A 224 14.20 22.73 7.74
C PRO A 224 14.49 23.86 8.72
N ASP A 225 14.28 23.57 10.01
CA ASP A 225 14.59 24.52 11.07
C ASP A 225 16.06 24.22 11.33
N LEU A 226 16.94 24.99 10.69
CA LEU A 226 18.39 24.83 10.77
C LEU A 226 19.07 24.96 12.13
N THR A 227 18.30 25.34 13.16
CA THR A 227 18.82 25.46 14.52
C THR A 227 18.79 24.12 15.25
N VAL A 228 18.02 23.17 14.71
CA VAL A 228 17.86 21.84 15.30
C VAL A 228 17.88 20.71 14.26
N GLU A 229 17.23 20.92 13.12
CA GLU A 229 17.18 19.92 12.05
C GLU A 229 18.40 20.03 11.16
N ARG A 230 18.93 18.87 10.79
CA ARG A 230 20.13 18.79 9.97
C ARG A 230 19.90 18.02 8.67
N PRO A 231 19.76 18.75 7.54
CA PRO A 231 19.55 18.17 6.22
C PRO A 231 20.67 17.23 5.80
N ILE A 232 20.30 16.15 5.10
CA ILE A 232 21.25 15.18 4.61
C ILE A 232 21.19 15.21 3.09
N PHE A 233 19.99 15.02 2.54
CA PHE A 233 19.78 15.03 1.08
C PHE A 233 18.45 15.65 0.74
N GLU A 234 18.42 16.41 -0.35
CA GLU A 234 17.19 17.04 -0.81
C GLU A 234 16.61 16.19 -1.93
N LEU A 235 15.28 16.04 -1.93
CA LEU A 235 14.58 15.28 -2.94
C LEU A 235 14.15 16.29 -4.01
N VAL A 236 14.92 16.35 -5.09
CA VAL A 236 14.67 17.32 -6.18
C VAL A 236 13.50 16.95 -7.08
N SER A 237 13.52 15.74 -7.61
CA SER A 237 12.46 15.26 -8.50
C SER A 237 12.35 13.76 -8.36
N THR A 238 11.17 13.25 -8.70
CA THR A 238 10.93 11.83 -8.62
C THR A 238 10.21 11.36 -9.87
N ALA A 239 10.49 10.11 -10.25
CA ALA A 239 9.89 9.50 -11.42
C ALA A 239 9.74 8.03 -11.19
N GLN A 240 8.78 7.45 -11.90
CA GLN A 240 8.53 6.02 -11.84
C GLN A 240 8.20 5.61 -13.26
N THR A 241 8.80 4.52 -13.71
CA THR A 241 8.55 4.03 -15.06
C THR A 241 8.57 2.51 -15.13
N ILE A 242 7.94 2.00 -16.18
CA ILE A 242 7.91 0.57 -16.44
C ILE A 242 8.85 0.35 -17.62
N VAL A 243 9.85 -0.49 -17.41
CA VAL A 243 10.85 -0.81 -18.44
C VAL A 243 10.15 -1.51 -19.64
N PRO A 244 10.39 -1.01 -20.88
CA PRO A 244 9.77 -1.61 -22.07
C PRO A 244 10.16 -3.09 -22.25
N GLU A 245 9.19 -3.89 -22.73
CA GLU A 245 9.35 -5.34 -22.98
C GLU A 245 9.89 -6.15 -21.81
N SER A 246 9.41 -5.82 -20.61
CA SER A 246 9.84 -6.49 -19.39
C SER A 246 8.71 -7.19 -18.63
N HIS A 247 7.59 -7.43 -19.31
CA HIS A 247 6.43 -8.08 -18.71
C HIS A 247 6.74 -9.48 -18.15
N GLY A 248 6.43 -9.65 -16.87
CA GLY A 248 6.65 -10.90 -16.17
C GLY A 248 8.06 -11.19 -15.71
N ALA A 249 8.98 -10.24 -15.92
CA ALA A 249 10.38 -10.41 -15.55
C ALA A 249 10.68 -10.57 -14.07
N ILE A 250 10.02 -9.78 -13.22
CA ILE A 250 10.18 -9.88 -11.78
C ILE A 250 8.77 -10.06 -11.22
N GLU A 251 8.48 -11.28 -10.75
CA GLU A 251 7.18 -11.59 -10.19
C GLU A 251 7.25 -12.15 -8.78
N GLY A 252 6.28 -11.77 -7.95
CA GLY A 252 6.21 -12.24 -6.58
C GLY A 252 4.77 -12.54 -6.22
N HIS A 253 4.51 -13.77 -5.78
CA HIS A 253 3.16 -14.20 -5.42
C HIS A 253 3.12 -14.69 -3.98
N LEU A 254 2.15 -14.20 -3.21
CA LEU A 254 1.99 -14.62 -1.82
C LEU A 254 1.05 -15.83 -1.86
N LEU A 255 1.68 -17.01 -1.79
CA LEU A 255 0.96 -18.28 -1.82
C LEU A 255 0.76 -18.83 -0.42
N GLU A 256 0.13 -20.01 -0.34
CA GLU A 256 -0.10 -20.70 0.93
C GLU A 256 1.20 -21.20 1.51
N SER A 257 2.23 -21.23 0.66
CA SER A 257 3.58 -21.65 1.03
C SER A 257 4.44 -20.43 1.35
N GLY A 258 3.82 -19.26 1.33
CA GLY A 258 4.51 -18.01 1.59
C GLY A 258 4.80 -17.26 0.31
N LEU A 259 5.66 -16.25 0.40
CA LEU A 259 6.03 -15.43 -0.76
C LEU A 259 7.01 -16.15 -1.69
N SER A 260 6.65 -16.22 -2.96
CA SER A 260 7.45 -16.88 -3.97
C SER A 260 7.90 -15.89 -5.05
N PHE A 261 9.20 -15.84 -5.29
CA PHE A 261 9.77 -14.95 -6.29
C PHE A 261 10.23 -15.70 -7.53
N HIS A 262 9.86 -15.15 -8.69
CA HIS A 262 10.21 -15.71 -10.00
C HIS A 262 10.84 -14.63 -10.86
N LEU A 263 12.16 -14.75 -11.09
CA LEU A 263 12.91 -13.79 -11.89
C LEU A 263 13.49 -14.39 -13.16
N TYR A 264 13.34 -13.67 -14.27
CA TYR A 264 13.88 -14.08 -15.57
C TYR A 264 15.39 -13.81 -15.55
N LYS A 265 16.14 -14.53 -16.38
CA LYS A 265 17.59 -14.35 -16.46
C LYS A 265 17.94 -13.04 -17.17
N THR A 266 16.94 -12.43 -17.80
CA THR A 266 17.07 -11.18 -18.54
C THR A 266 16.92 -9.92 -17.68
N VAL A 267 16.60 -10.09 -16.40
CA VAL A 267 16.43 -8.97 -15.45
C VAL A 267 17.60 -7.96 -15.40
N PRO A 268 18.87 -8.41 -15.31
CA PRO A 268 19.96 -7.42 -15.27
C PRO A 268 20.13 -6.63 -16.56
N THR A 269 19.86 -7.28 -17.69
CA THR A 269 19.95 -6.68 -19.03
C THR A 269 18.85 -5.66 -19.27
N LEU A 270 17.62 -6.00 -18.86
CA LEU A 270 16.45 -5.13 -19.03
C LEU A 270 16.58 -3.83 -18.23
N ILE A 271 17.06 -3.96 -16.99
CA ILE A 271 17.24 -2.82 -16.10
C ILE A 271 18.38 -1.92 -16.59
N SER A 272 19.55 -2.50 -16.85
CA SER A 272 20.72 -1.75 -17.28
C SER A 272 20.60 -1.01 -18.61
N ASN A 273 19.89 -1.60 -19.57
CA ASN A 273 19.67 -0.98 -20.89
C ASN A 273 18.67 0.17 -20.84
N ASN A 274 17.97 0.28 -19.71
CA ASN A 274 16.95 1.31 -19.51
C ASN A 274 17.42 2.44 -18.59
N ILE A 275 18.55 2.25 -17.90
CA ILE A 275 19.09 3.25 -16.97
C ILE A 275 19.44 4.59 -17.61
N LYS A 276 20.03 4.57 -18.81
CA LYS A 276 20.39 5.80 -19.53
C LYS A 276 19.16 6.64 -19.89
N THR A 277 18.04 5.96 -20.13
CA THR A 277 16.77 6.61 -20.47
C THR A 277 16.21 7.28 -19.22
N CYS A 278 16.29 6.60 -18.08
CA CYS A 278 15.82 7.11 -16.78
C CYS A 278 16.66 8.31 -16.35
N LEU A 279 17.96 8.23 -16.61
CA LEU A 279 18.92 9.28 -16.28
C LEU A 279 18.68 10.50 -17.15
N SER A 280 18.41 10.27 -18.45
CA SER A 280 18.15 11.36 -19.39
C SER A 280 16.85 12.09 -19.06
N ASP A 281 15.78 11.33 -18.75
CA ASP A 281 14.48 11.91 -18.41
C ASP A 281 14.51 12.74 -17.12
N ALA A 282 15.38 12.33 -16.20
CA ALA A 282 15.53 12.99 -14.92
C ALA A 282 16.53 14.15 -14.91
N PHE A 283 17.61 14.00 -15.67
CA PHE A 283 18.67 15.01 -15.69
C PHE A 283 18.75 16.03 -16.81
N THR A 284 18.00 15.82 -17.89
CA THR A 284 17.99 16.78 -19.01
C THR A 284 17.38 18.15 -18.60
N PRO A 285 16.29 18.18 -17.76
CA PRO A 285 15.76 19.50 -17.38
C PRO A 285 16.71 20.27 -16.43
N LEU A 286 17.71 19.56 -15.92
CA LEU A 286 18.72 20.12 -15.01
C LEU A 286 20.06 20.36 -15.73
N ASN A 287 20.07 20.11 -17.05
CA ASN A 287 21.22 20.27 -17.95
C ASN A 287 22.46 19.43 -17.57
N ILE A 288 22.21 18.22 -17.10
CA ILE A 288 23.26 17.29 -16.70
C ILE A 288 23.26 16.08 -17.65
N SER A 289 24.45 15.71 -18.10
CA SER A 289 24.65 14.60 -19.04
C SER A 289 25.76 13.63 -18.59
N ASP A 290 26.67 14.13 -17.74
CA ASP A 290 27.78 13.34 -17.22
C ASP A 290 27.29 12.53 -16.02
N TRP A 291 27.18 11.22 -16.21
CA TRP A 291 26.69 10.33 -15.16
C TRP A 291 27.69 10.05 -14.06
N ASN A 292 28.96 10.37 -14.33
CA ASN A 292 30.04 10.20 -13.36
C ASN A 292 30.18 11.41 -12.43
N SER A 293 29.44 12.48 -12.74
CA SER A 293 29.46 13.71 -11.93
C SER A 293 28.42 13.61 -10.80
N LEU A 294 27.64 12.53 -10.83
CA LEU A 294 26.58 12.29 -9.86
C LEU A 294 26.99 11.29 -8.80
N PHE A 295 26.44 11.42 -7.58
CA PHE A 295 26.70 10.41 -6.56
C PHE A 295 25.59 9.39 -6.79
N TRP A 296 25.93 8.11 -6.64
CA TRP A 296 25.00 7.03 -6.92
C TRP A 296 24.53 6.19 -5.76
N ILE A 297 23.21 6.05 -5.67
CA ILE A 297 22.56 5.21 -4.66
C ILE A 297 21.64 4.34 -5.51
N ALA A 298 22.07 3.12 -5.80
CA ALA A 298 21.27 2.23 -6.61
C ALA A 298 20.88 0.99 -5.84
N HIS A 299 19.65 0.52 -6.02
CA HIS A 299 19.20 -0.68 -5.35
C HIS A 299 20.00 -1.89 -5.85
N PRO A 300 20.73 -2.57 -4.95
CA PRO A 300 21.53 -3.73 -5.35
C PRO A 300 20.72 -5.03 -5.37
N GLY A 301 19.90 -5.17 -6.43
CA GLY A 301 19.06 -6.34 -6.60
C GLY A 301 19.88 -7.62 -6.67
N GLY A 302 21.09 -7.46 -7.19
CA GLY A 302 22.03 -8.54 -7.32
C GLY A 302 23.33 -7.99 -7.85
N PRO A 303 24.43 -8.79 -7.85
CA PRO A 303 25.75 -8.36 -8.35
C PRO A 303 25.76 -8.05 -9.85
N ALA A 304 24.95 -8.79 -10.60
CA ALA A 304 24.84 -8.65 -12.05
C ALA A 304 24.19 -7.33 -12.47
N ILE A 305 23.20 -6.86 -11.71
CA ILE A 305 22.53 -5.59 -11.99
C ILE A 305 23.54 -4.47 -11.81
N LEU A 306 24.34 -4.55 -10.75
CA LEU A 306 25.37 -3.54 -10.46
C LEU A 306 26.48 -3.50 -11.49
N ASP A 307 26.91 -4.70 -11.93
CA ASP A 307 27.97 -4.83 -12.94
C ASP A 307 27.52 -4.30 -14.30
N GLN A 308 26.28 -4.63 -14.66
CA GLN A 308 25.72 -4.21 -15.93
C GLN A 308 25.35 -2.73 -15.97
N VAL A 309 24.93 -2.17 -14.83
CA VAL A 309 24.61 -0.74 -14.75
C VAL A 309 25.93 0.02 -14.90
N THR A 310 26.97 -0.45 -14.21
CA THR A 310 28.30 0.17 -14.26
C THR A 310 28.85 0.13 -15.69
N ALA A 311 28.69 -1.02 -16.34
CA ALA A 311 29.17 -1.26 -17.70
C ALA A 311 28.48 -0.42 -18.78
N LYS A 312 27.15 -0.51 -18.84
CA LYS A 312 26.36 0.21 -19.85
C LYS A 312 26.27 1.72 -19.68
N VAL A 313 26.24 2.19 -18.44
CA VAL A 313 26.17 3.63 -18.16
C VAL A 313 27.55 4.28 -18.26
N GLY A 314 28.59 3.46 -18.08
CA GLY A 314 29.96 3.96 -18.16
C GLY A 314 30.46 4.56 -16.86
N LEU A 315 30.09 3.92 -15.75
CA LEU A 315 30.50 4.39 -14.43
C LEU A 315 31.86 3.87 -14.02
N GLU A 316 32.60 4.73 -13.33
CA GLU A 316 33.92 4.40 -12.80
C GLU A 316 33.69 3.49 -11.60
N LYS A 317 34.68 2.67 -11.23
CA LYS A 317 34.57 1.72 -10.11
C LYS A 317 34.09 2.32 -8.78
N GLU A 318 34.54 3.53 -8.46
CA GLU A 318 34.18 4.21 -7.21
C GLU A 318 32.75 4.72 -7.08
N LYS A 319 31.99 4.75 -8.19
CA LYS A 319 30.62 5.25 -8.17
C LYS A 319 29.62 4.44 -7.36
N LEU A 320 29.66 3.13 -7.52
CA LEU A 320 28.78 2.24 -6.80
C LEU A 320 29.47 1.57 -5.61
N LYS A 321 30.54 2.20 -5.12
CA LYS A 321 31.32 1.68 -3.99
C LYS A 321 30.49 1.44 -2.72
N VAL A 322 29.72 2.45 -2.33
CA VAL A 322 28.86 2.38 -1.14
C VAL A 322 27.73 1.35 -1.34
N THR A 323 27.16 1.34 -2.54
CA THR A 323 26.09 0.42 -2.92
C THR A 323 26.56 -1.02 -2.81
N ARG A 324 27.76 -1.29 -3.32
CA ARG A 324 28.38 -2.61 -3.27
C ARG A 324 28.73 -3.02 -1.85
N GLN A 325 29.17 -2.05 -1.04
CA GLN A 325 29.55 -2.29 0.37
C GLN A 325 28.34 -2.71 1.19
N VAL A 326 27.19 -2.09 0.92
CA VAL A 326 25.96 -2.42 1.63
C VAL A 326 25.46 -3.81 1.22
N LEU A 327 25.61 -4.16 -0.06
CA LEU A 327 25.21 -5.48 -0.56
C LEU A 327 26.12 -6.52 0.12
N LYS A 328 27.39 -6.16 0.27
CA LYS A 328 28.41 -7.00 0.90
C LYS A 328 28.12 -7.22 2.39
N ASP A 329 27.76 -6.15 3.10
CA ASP A 329 27.49 -6.21 4.53
C ASP A 329 26.09 -6.63 4.98
N TYR A 330 25.10 -6.53 4.09
CA TYR A 330 23.72 -6.82 4.46
C TYR A 330 22.89 -7.63 3.47
N GLY A 331 23.34 -7.67 2.22
CA GLY A 331 22.60 -8.36 1.18
C GLY A 331 21.50 -7.46 0.64
N ASN A 332 20.56 -8.06 -0.07
CA ASN A 332 19.43 -7.33 -0.66
C ASN A 332 18.31 -7.31 0.38
N MET A 333 18.09 -6.14 0.98
CA MET A 333 17.04 -5.98 1.99
C MET A 333 15.84 -5.25 1.42
N SER A 334 15.55 -5.54 0.15
CA SER A 334 14.43 -4.95 -0.59
C SER A 334 14.36 -3.42 -0.52
N SER A 335 13.21 -2.84 -0.18
CA SER A 335 13.04 -1.38 -0.14
C SER A 335 13.92 -0.61 0.85
N ALA A 336 14.39 -1.28 1.89
CA ALA A 336 15.22 -0.66 2.92
C ALA A 336 16.66 -0.41 2.50
N THR A 337 17.13 -1.19 1.54
CA THR A 337 18.53 -1.13 1.08
C THR A 337 19.07 0.22 0.65
N VAL A 338 18.30 0.96 -0.15
CA VAL A 338 18.73 2.28 -0.62
C VAL A 338 18.97 3.28 0.51
N PHE A 339 18.31 3.06 1.64
CA PHE A 339 18.48 3.93 2.80
C PHE A 339 19.71 3.57 3.59
N PHE A 340 20.10 2.30 3.56
CA PHE A 340 21.32 1.84 4.21
C PHE A 340 22.49 2.42 3.42
N ILE A 341 22.32 2.49 2.09
CA ILE A 341 23.33 3.04 1.18
C ILE A 341 23.41 4.55 1.39
N MET A 342 22.25 5.20 1.52
CA MET A 342 22.15 6.63 1.74
C MET A 342 22.85 7.02 3.04
N ASP A 343 22.63 6.19 4.07
CA ASP A 343 23.20 6.36 5.41
C ASP A 343 24.72 6.21 5.38
N GLU A 344 25.18 5.13 4.75
CA GLU A 344 26.60 4.84 4.65
C GLU A 344 27.34 5.83 3.75
N MET A 345 26.64 6.40 2.76
CA MET A 345 27.24 7.38 1.86
C MET A 345 27.63 8.66 2.58
N ARG A 346 26.73 9.20 3.39
CA ARG A 346 27.03 10.43 4.13
C ARG A 346 28.09 10.18 5.22
N LYS A 347 28.10 8.95 5.75
CA LYS A 347 29.06 8.55 6.80
C LYS A 347 30.46 8.48 6.20
N LYS A 348 30.59 7.81 5.05
CA LYS A 348 31.87 7.67 4.36
C LYS A 348 32.37 9.00 3.82
N SER A 349 31.43 9.86 3.40
CA SER A 349 31.76 11.18 2.87
C SER A 349 32.38 12.05 3.96
N LEU A 350 31.85 11.94 5.18
CA LEU A 350 32.34 12.68 6.34
C LEU A 350 33.73 12.17 6.73
N GLU A 351 33.89 10.84 6.72
CA GLU A 351 35.15 10.19 7.07
C GLU A 351 36.27 10.48 6.07
N ASN A 352 35.90 10.68 4.81
CA ASN A 352 36.86 10.99 3.75
C ASN A 352 37.09 12.50 3.64
N GLY A 353 36.48 13.25 4.55
CA GLY A 353 36.61 14.70 4.60
C GLY A 353 36.08 15.45 3.39
N GLN A 354 35.04 14.88 2.76
CA GLN A 354 34.44 15.47 1.57
C GLN A 354 33.47 16.62 1.86
N ALA A 355 33.40 17.54 0.89
CA ALA A 355 32.60 18.77 0.95
C ALA A 355 31.09 18.64 1.07
N THR A 356 30.53 17.51 0.65
CA THR A 356 29.09 17.29 0.73
C THR A 356 28.76 15.90 1.24
N THR A 357 27.48 15.66 1.53
CA THR A 357 27.00 14.37 2.02
C THR A 357 26.98 13.32 0.91
N GLY A 358 27.09 13.81 -0.33
CA GLY A 358 27.08 12.93 -1.48
C GLY A 358 28.43 12.81 -2.15
N GLU A 359 29.41 12.32 -1.40
CA GLU A 359 30.79 12.11 -1.87
C GLU A 359 31.49 13.35 -2.45
N GLY A 360 31.12 14.50 -1.93
CA GLY A 360 31.69 15.77 -2.39
C GLY A 360 31.00 16.36 -3.60
N LEU A 361 30.10 15.57 -4.20
CA LEU A 361 29.35 15.98 -5.39
C LEU A 361 28.03 16.64 -5.02
N GLU A 362 27.55 17.48 -5.93
CA GLU A 362 26.32 18.24 -5.74
C GLU A 362 25.03 17.46 -6.04
N TRP A 363 24.95 16.92 -7.25
CA TRP A 363 23.78 16.17 -7.69
C TRP A 363 23.96 14.68 -7.65
N GLY A 364 22.86 13.97 -7.43
CA GLY A 364 22.92 12.53 -7.37
C GLY A 364 21.63 11.87 -7.78
N VAL A 365 21.66 10.54 -7.77
CA VAL A 365 20.51 9.76 -8.16
C VAL A 365 20.30 8.53 -7.30
N LEU A 366 19.04 8.31 -6.95
CA LEU A 366 18.63 7.15 -6.19
C LEU A 366 17.77 6.32 -7.13
N PHE A 367 18.10 5.04 -7.21
CA PHE A 367 17.36 4.11 -8.05
C PHE A 367 16.77 2.96 -7.27
N GLY A 368 15.50 2.72 -7.53
CA GLY A 368 14.79 1.60 -6.94
C GLY A 368 14.40 0.72 -8.12
N PHE A 369 14.65 -0.58 -8.03
CA PHE A 369 14.31 -1.54 -9.10
C PHE A 369 13.45 -2.64 -8.52
N GLY A 370 12.41 -3.04 -9.24
CA GLY A 370 11.57 -4.11 -8.73
C GLY A 370 10.50 -4.55 -9.69
N PRO A 371 9.45 -5.26 -9.20
CA PRO A 371 8.32 -5.78 -9.98
C PRO A 371 7.69 -4.82 -10.99
N GLY A 372 7.63 -5.27 -12.24
CA GLY A 372 7.07 -4.47 -13.32
C GLY A 372 7.61 -4.79 -14.71
N ILE A 373 8.90 -4.57 -15.02
CA ILE A 373 9.93 -4.02 -14.12
C ILE A 373 9.75 -2.53 -13.93
N THR A 374 9.68 -2.15 -12.67
CA THR A 374 9.51 -0.76 -12.28
C THR A 374 10.86 -0.19 -11.85
N VAL A 375 11.13 1.01 -12.33
CA VAL A 375 12.34 1.74 -11.98
C VAL A 375 11.88 3.06 -11.38
N GLU A 376 12.29 3.32 -10.14
CA GLU A 376 11.97 4.58 -9.47
C GLU A 376 13.25 5.40 -9.54
N THR A 377 13.14 6.62 -10.07
CA THR A 377 14.28 7.50 -10.23
C THR A 377 14.09 8.77 -9.41
N VAL A 378 14.92 8.90 -8.37
CA VAL A 378 14.85 10.07 -7.51
C VAL A 378 16.13 10.88 -7.70
N VAL A 379 15.97 12.14 -8.10
CA VAL A 379 17.11 13.03 -8.26
C VAL A 379 17.35 13.63 -6.88
N LEU A 380 18.59 13.53 -6.43
CA LEU A 380 18.99 14.03 -5.13
C LEU A 380 19.99 15.15 -5.24
N ARG A 381 19.97 16.02 -4.22
CA ARG A 381 20.93 17.10 -4.12
C ARG A 381 21.51 16.91 -2.74
N SER A 382 22.82 16.93 -2.66
CA SER A 382 23.52 16.78 -1.39
C SER A 382 23.49 18.12 -0.65
N VAL A 383 23.93 18.09 0.60
CA VAL A 383 24.00 19.31 1.40
C VAL A 383 25.46 19.54 1.78
N PRO A 384 25.92 20.81 1.86
CA PRO A 384 27.32 21.07 2.23
C PRO A 384 27.69 20.59 3.62
N VAL A 385 28.91 20.05 3.74
CA VAL A 385 29.45 19.54 5.00
C VAL A 385 30.72 20.32 5.33
N ILE A 386 30.82 20.75 6.59
CA ILE A 386 31.97 21.51 7.09
C ILE A 386 33.09 20.55 7.52
N LYS B 11 -5.35 26.94 -5.17
CA LYS B 11 -6.05 26.06 -6.15
C LYS B 11 -6.09 24.63 -5.60
N LEU B 12 -7.27 24.27 -5.09
CA LEU B 12 -7.49 22.96 -4.49
C LEU B 12 -7.64 21.80 -5.46
N ALA B 13 -7.23 20.63 -4.99
CA ALA B 13 -7.35 19.38 -5.75
C ALA B 13 -8.84 19.17 -5.90
N THR B 14 -9.25 18.84 -7.11
CA THR B 14 -10.67 18.70 -7.40
C THR B 14 -10.99 17.37 -8.06
N VAL B 15 -12.10 16.77 -7.63
CA VAL B 15 -12.62 15.54 -8.21
C VAL B 15 -13.32 16.01 -9.49
N MET B 16 -12.85 15.53 -10.63
CA MET B 16 -13.37 15.91 -11.95
C MET B 16 -14.14 14.82 -12.70
N ALA B 17 -14.10 13.61 -12.15
CA ALA B 17 -14.78 12.47 -12.76
C ALA B 17 -14.97 11.36 -11.77
N ILE B 18 -16.08 10.64 -11.89
CA ILE B 18 -16.36 9.47 -11.05
C ILE B 18 -16.98 8.42 -11.96
N GLY B 19 -16.38 7.22 -11.93
CA GLY B 19 -16.88 6.11 -12.74
C GLY B 19 -16.99 4.91 -11.83
N THR B 20 -18.04 4.11 -12.01
CA THR B 20 -18.22 2.93 -11.18
C THR B 20 -18.50 1.65 -11.95
N ALA B 21 -18.21 0.51 -11.32
CA ALA B 21 -18.41 -0.80 -11.91
C ALA B 21 -18.73 -1.82 -10.84
N ASN B 22 -19.51 -2.83 -11.23
CA ASN B 22 -19.90 -3.91 -10.31
C ASN B 22 -19.96 -5.22 -11.10
N PRO B 23 -19.75 -6.38 -10.44
CA PRO B 23 -19.82 -7.67 -11.14
C PRO B 23 -21.26 -7.86 -11.62
N PRO B 24 -21.48 -8.66 -12.69
CA PRO B 24 -22.82 -8.88 -13.22
C PRO B 24 -23.83 -9.69 -12.40
N ASN B 25 -23.34 -10.44 -11.43
CA ASN B 25 -24.20 -11.30 -10.60
C ASN B 25 -24.83 -10.53 -9.46
N CYS B 26 -26.14 -10.32 -9.56
CA CYS B 26 -26.90 -9.60 -8.56
C CYS B 26 -27.53 -10.55 -7.54
N TYR B 27 -27.35 -10.21 -6.27
CA TYR B 27 -27.88 -11.00 -5.17
C TYR B 27 -28.82 -10.18 -4.32
N TYR B 28 -30.10 -10.50 -4.39
CA TYR B 28 -31.11 -9.81 -3.60
C TYR B 28 -31.00 -10.33 -2.18
N GLN B 29 -30.85 -9.40 -1.24
CA GLN B 29 -30.69 -9.71 0.17
C GLN B 29 -31.78 -10.55 0.81
N ALA B 30 -33.00 -10.39 0.33
CA ALA B 30 -34.16 -11.15 0.83
C ALA B 30 -34.02 -12.64 0.54
N ASP B 31 -33.23 -12.96 -0.48
CA ASP B 31 -32.99 -14.35 -0.91
C ASP B 31 -31.59 -14.85 -0.53
N PHE B 32 -30.77 -13.97 0.05
CA PHE B 32 -29.40 -14.34 0.42
C PHE B 32 -29.23 -15.36 1.55
N PRO B 33 -30.00 -15.28 2.67
CA PRO B 33 -29.82 -16.27 3.74
C PRO B 33 -29.98 -17.71 3.28
N ASP B 34 -30.98 -17.93 2.42
CA ASP B 34 -31.26 -19.25 1.86
C ASP B 34 -30.18 -19.69 0.89
N PHE B 35 -29.72 -18.77 0.04
CA PHE B 35 -28.66 -19.02 -0.94
C PHE B 35 -27.36 -19.39 -0.20
N TYR B 36 -26.94 -18.50 0.70
CA TYR B 36 -25.72 -18.66 1.47
C TYR B 36 -25.64 -19.95 2.27
N PHE B 37 -26.72 -20.27 2.99
CA PHE B 37 -26.75 -21.50 3.78
C PHE B 37 -26.80 -22.79 2.98
N ARG B 38 -27.35 -22.71 1.77
CA ARG B 38 -27.44 -23.86 0.88
C ARG B 38 -26.09 -24.16 0.22
N VAL B 39 -25.45 -23.13 -0.32
CA VAL B 39 -24.15 -23.27 -1.00
C VAL B 39 -22.95 -23.52 -0.09
N THR B 40 -23.12 -23.27 1.22
CA THR B 40 -22.06 -23.51 2.19
C THR B 40 -22.37 -24.76 3.01
N ASN B 41 -23.42 -25.48 2.61
CA ASN B 41 -23.91 -26.73 3.24
C ASN B 41 -24.07 -26.58 4.76
N SER B 42 -24.76 -25.50 5.14
CA SER B 42 -24.98 -25.18 6.54
C SER B 42 -26.45 -25.14 6.96
N ASP B 43 -27.33 -25.74 6.14
CA ASP B 43 -28.78 -25.78 6.39
C ASP B 43 -29.20 -26.48 7.69
N HIS B 44 -28.32 -27.33 8.20
CA HIS B 44 -28.53 -28.09 9.45
C HIS B 44 -28.33 -27.22 10.70
N LEU B 45 -27.67 -26.08 10.53
CA LEU B 45 -27.40 -25.14 11.62
C LEU B 45 -28.52 -24.10 11.65
N ILE B 46 -29.65 -24.52 12.23
CA ILE B 46 -30.88 -23.73 12.36
C ILE B 46 -30.74 -22.42 13.14
N ASN B 47 -30.03 -22.48 14.27
CA ASN B 47 -29.81 -21.30 15.12
C ASN B 47 -28.89 -20.28 14.46
N LEU B 48 -27.87 -20.79 13.76
CA LEU B 48 -26.91 -19.96 13.04
C LEU B 48 -27.57 -19.30 11.83
N LYS B 49 -28.53 -20.01 11.21
CA LYS B 49 -29.27 -19.50 10.06
C LYS B 49 -30.13 -18.33 10.46
N GLN B 50 -30.74 -18.45 11.64
CA GLN B 50 -31.59 -17.39 12.17
C GLN B 50 -30.77 -16.13 12.44
N LYS B 51 -29.58 -16.31 13.01
CA LYS B 51 -28.67 -15.21 13.33
C LYS B 51 -28.22 -14.49 12.05
N PHE B 52 -27.93 -15.28 11.00
CA PHE B 52 -27.51 -14.72 9.72
C PHE B 52 -28.67 -14.03 9.01
N LYS B 53 -29.86 -14.63 9.08
CA LYS B 53 -31.07 -14.09 8.47
C LYS B 53 -31.36 -12.70 9.03
N ARG B 54 -31.17 -12.56 10.34
CA ARG B 54 -31.38 -11.30 11.02
C ARG B 54 -30.32 -10.27 10.69
N LEU B 55 -29.08 -10.73 10.44
CA LEU B 55 -27.97 -9.84 10.05
C LEU B 55 -28.27 -9.25 8.68
N CYS B 56 -28.84 -10.08 7.80
CA CYS B 56 -29.21 -9.66 6.45
C CYS B 56 -30.42 -8.74 6.42
N GLU B 57 -31.42 -9.05 7.25
CA GLU B 57 -32.65 -8.25 7.32
C GLU B 57 -32.43 -6.89 7.98
N ASN B 58 -31.51 -6.84 8.94
CA ASN B 58 -31.20 -5.60 9.65
C ASN B 58 -30.11 -4.78 8.95
N SER B 59 -29.48 -5.37 7.94
CA SER B 59 -28.38 -4.70 7.20
C SER B 59 -28.77 -3.49 6.37
N ARG B 60 -30.07 -3.38 6.05
CA ARG B 60 -30.64 -2.30 5.22
C ARG B 60 -30.04 -2.31 3.81
N ILE B 61 -29.69 -3.51 3.35
CA ILE B 61 -29.15 -3.77 2.02
C ILE B 61 -30.23 -4.52 1.28
N GLU B 62 -30.55 -4.08 0.06
CA GLU B 62 -31.57 -4.75 -0.75
C GLU B 62 -30.89 -5.71 -1.73
N LYS B 63 -29.76 -5.27 -2.28
CA LYS B 63 -29.01 -6.07 -3.25
C LYS B 63 -27.52 -5.78 -3.25
N ARG B 64 -26.75 -6.77 -3.69
CA ARG B 64 -25.31 -6.69 -3.80
C ARG B 64 -24.88 -7.38 -5.07
N TYR B 65 -23.73 -6.97 -5.58
CA TYR B 65 -23.16 -7.56 -6.78
C TYR B 65 -21.91 -8.27 -6.34
N LEU B 66 -21.83 -9.57 -6.63
CA LEU B 66 -20.68 -10.37 -6.23
C LEU B 66 -20.10 -11.16 -7.38
N HIS B 67 -18.78 -11.34 -7.36
CA HIS B 67 -18.08 -12.14 -8.38
C HIS B 67 -18.39 -13.61 -8.10
N VAL B 68 -18.43 -13.94 -6.81
CA VAL B 68 -18.70 -15.29 -6.36
C VAL B 68 -20.10 -15.76 -6.77
N THR B 69 -20.13 -16.95 -7.38
CA THR B 69 -21.35 -17.59 -7.86
C THR B 69 -21.42 -18.98 -7.26
N GLU B 70 -22.57 -19.64 -7.42
CA GLU B 70 -22.81 -21.00 -6.95
C GLU B 70 -21.86 -21.94 -7.70
N GLU B 71 -21.61 -21.61 -8.97
CA GLU B 71 -20.74 -22.35 -9.88
C GLU B 71 -19.27 -22.30 -9.42
N ILE B 72 -18.84 -21.12 -8.97
CA ILE B 72 -17.48 -20.91 -8.47
C ILE B 72 -17.27 -21.66 -7.14
N LEU B 73 -18.32 -21.73 -6.33
CA LEU B 73 -18.27 -22.44 -5.04
C LEU B 73 -18.31 -23.95 -5.23
N LYS B 74 -18.95 -24.40 -6.31
CA LYS B 74 -19.04 -25.82 -6.65
C LYS B 74 -17.65 -26.26 -7.15
N GLU B 75 -17.00 -25.38 -7.90
CA GLU B 75 -15.66 -25.61 -8.45
C GLU B 75 -14.59 -25.52 -7.34
N ASN B 76 -14.85 -24.68 -6.34
CA ASN B 76 -13.93 -24.49 -5.22
C ASN B 76 -14.64 -24.63 -3.86
N PRO B 77 -14.89 -25.88 -3.38
CA PRO B 77 -15.57 -26.09 -2.09
C PRO B 77 -14.81 -25.51 -0.91
N ASN B 78 -13.49 -25.34 -1.09
CA ASN B 78 -12.63 -24.78 -0.06
C ASN B 78 -12.88 -23.29 0.22
N ILE B 79 -13.59 -22.63 -0.70
CA ILE B 79 -13.96 -21.21 -0.54
C ILE B 79 -15.29 -21.17 0.24
N ALA B 80 -16.16 -22.14 -0.04
CA ALA B 80 -17.47 -22.26 0.61
C ALA B 80 -17.38 -22.60 2.08
N ALA B 81 -16.31 -23.29 2.47
CA ALA B 81 -16.08 -23.67 3.86
C ALA B 81 -15.63 -22.46 4.66
N TYR B 82 -15.85 -22.50 5.98
CA TYR B 82 -15.45 -21.41 6.86
C TYR B 82 -13.93 -21.29 6.91
N GLU B 83 -13.28 -22.41 7.26
CA GLU B 83 -11.84 -22.45 7.39
C GLU B 83 -11.26 -23.65 6.65
N ALA B 84 -10.85 -23.39 5.40
CA ALA B 84 -10.25 -24.41 4.56
C ALA B 84 -9.19 -23.69 3.75
N THR B 85 -8.08 -24.39 3.50
CA THR B 85 -6.95 -23.87 2.73
C THR B 85 -7.46 -23.46 1.35
N SER B 86 -7.47 -22.16 1.10
CA SER B 86 -8.03 -21.62 -0.14
C SER B 86 -7.45 -20.32 -0.66
N LEU B 87 -6.35 -19.84 -0.08
CA LEU B 87 -5.77 -18.57 -0.54
C LEU B 87 -5.39 -18.55 -2.01
N ASN B 88 -4.75 -19.62 -2.50
CA ASN B 88 -4.32 -19.70 -3.89
C ASN B 88 -5.45 -19.58 -4.90
N VAL B 89 -6.54 -20.31 -4.68
CA VAL B 89 -7.70 -20.25 -5.59
C VAL B 89 -8.44 -18.92 -5.50
N ARG B 90 -8.45 -18.33 -4.32
CA ARG B 90 -9.10 -17.03 -4.12
C ARG B 90 -8.29 -15.95 -4.82
N HIS B 91 -6.98 -16.02 -4.64
CA HIS B 91 -6.01 -15.08 -5.21
C HIS B 91 -6.06 -15.01 -6.74
N LYS B 92 -6.19 -16.16 -7.39
CA LYS B 92 -6.26 -16.24 -8.86
C LYS B 92 -7.44 -15.44 -9.42
N MET B 93 -8.59 -15.57 -8.76
CA MET B 93 -9.82 -14.87 -9.16
C MET B 93 -9.82 -13.41 -8.71
N GLN B 94 -9.22 -13.16 -7.54
CA GLN B 94 -9.14 -11.82 -6.97
C GLN B 94 -8.27 -10.87 -7.78
N VAL B 95 -7.10 -11.33 -8.22
CA VAL B 95 -6.16 -10.53 -9.02
C VAL B 95 -6.73 -10.14 -10.39
N LYS B 96 -7.42 -11.09 -11.02
CA LYS B 96 -8.05 -10.89 -12.32
C LYS B 96 -9.30 -10.01 -12.18
N GLY B 97 -10.06 -10.27 -11.11
CA GLY B 97 -11.29 -9.54 -10.84
C GLY B 97 -11.12 -8.08 -10.48
N VAL B 98 -10.14 -7.75 -9.64
CA VAL B 98 -9.90 -6.35 -9.26
C VAL B 98 -9.41 -5.54 -10.46
N ALA B 99 -8.69 -6.20 -11.35
CA ALA B 99 -8.15 -5.58 -12.56
C ALA B 99 -9.23 -5.25 -13.60
N GLU B 100 -10.09 -6.23 -13.93
CA GLU B 100 -11.14 -5.99 -14.91
C GLU B 100 -12.26 -5.07 -14.44
N LEU B 101 -12.58 -5.15 -13.14
CA LEU B 101 -13.61 -4.29 -12.55
C LEU B 101 -13.07 -2.86 -12.46
N GLY B 102 -11.78 -2.78 -12.11
CA GLY B 102 -11.11 -1.50 -12.02
C GLY B 102 -11.00 -0.80 -13.35
N LYS B 103 -10.76 -1.60 -14.41
CA LYS B 103 -10.64 -1.10 -15.78
C LYS B 103 -11.95 -0.48 -16.26
N GLU B 104 -13.05 -1.16 -15.96
CA GLU B 104 -14.40 -0.69 -16.35
C GLU B 104 -14.73 0.64 -15.68
N ALA B 105 -14.44 0.72 -14.38
CA ALA B 105 -14.68 1.94 -13.60
C ALA B 105 -13.78 3.07 -14.10
N ALA B 106 -12.51 2.73 -14.37
CA ALA B 106 -11.53 3.69 -14.87
C ALA B 106 -11.91 4.29 -16.21
N LEU B 107 -12.40 3.45 -17.12
CA LEU B 107 -12.82 3.92 -18.45
C LEU B 107 -13.98 4.89 -18.37
N LYS B 108 -14.92 4.62 -17.45
CA LYS B 108 -16.07 5.49 -17.24
C LYS B 108 -15.63 6.83 -16.65
N ALA B 109 -14.66 6.78 -15.74
CA ALA B 109 -14.11 8.00 -15.12
C ALA B 109 -13.36 8.83 -16.16
N ILE B 110 -12.54 8.16 -16.99
CA ILE B 110 -11.78 8.85 -18.04
C ILE B 110 -12.71 9.53 -19.03
N LYS B 111 -13.83 8.88 -19.35
CA LYS B 111 -14.81 9.45 -20.28
C LYS B 111 -15.43 10.73 -19.74
N GLU B 112 -15.89 10.70 -18.48
CA GLU B 112 -16.50 11.88 -17.86
C GLU B 112 -15.52 13.04 -17.75
N TRP B 113 -14.26 12.71 -17.44
CA TRP B 113 -13.20 13.69 -17.30
C TRP B 113 -13.04 14.55 -18.56
N GLY B 114 -13.09 13.88 -19.72
CA GLY B 114 -13.02 14.58 -20.99
C GLY B 114 -11.66 14.78 -21.63
N GLN B 115 -10.61 14.39 -20.93
CA GLN B 115 -9.25 14.52 -21.46
C GLN B 115 -8.75 13.13 -21.84
N PRO B 116 -7.78 13.03 -22.80
CA PRO B 116 -7.28 11.70 -23.16
C PRO B 116 -6.52 11.05 -22.01
N LYS B 117 -6.55 9.72 -21.96
CA LYS B 117 -5.89 8.94 -20.91
C LYS B 117 -4.38 9.18 -20.81
N SER B 118 -3.79 9.71 -21.89
CA SER B 118 -2.36 10.02 -21.95
C SER B 118 -1.99 11.18 -21.02
N LYS B 119 -2.99 11.94 -20.58
CA LYS B 119 -2.79 13.06 -19.68
C LYS B 119 -2.78 12.66 -18.21
N ILE B 120 -3.03 11.38 -17.93
CA ILE B 120 -2.98 10.85 -16.57
C ILE B 120 -1.51 10.73 -16.22
N THR B 121 -1.12 11.44 -15.17
CA THR B 121 0.25 11.46 -14.71
C THR B 121 0.48 10.56 -13.50
N HIS B 122 -0.58 10.33 -12.73
CA HIS B 122 -0.51 9.50 -11.52
C HIS B 122 -1.65 8.51 -11.43
N LEU B 123 -1.38 7.35 -10.84
CA LEU B 123 -2.38 6.31 -10.68
C LEU B 123 -2.33 5.76 -9.26
N ILE B 124 -3.45 5.84 -8.54
CA ILE B 124 -3.55 5.31 -7.19
C ILE B 124 -4.54 4.17 -7.25
N VAL B 125 -4.10 2.98 -6.85
CA VAL B 125 -4.99 1.82 -6.83
C VAL B 125 -5.09 1.32 -5.40
N CYS B 126 -6.32 1.04 -5.00
CA CYS B 126 -6.61 0.55 -3.66
C CYS B 126 -7.50 -0.67 -3.75
N CYS B 127 -6.99 -1.79 -3.23
CA CYS B 127 -7.71 -3.06 -3.24
C CYS B 127 -7.66 -3.70 -1.88
N LEU B 128 -8.83 -4.14 -1.40
CA LEU B 128 -9.00 -4.82 -0.11
C LEU B 128 -8.04 -6.01 -0.05
N ALA B 129 -7.91 -6.69 -1.19
CA ALA B 129 -7.02 -7.82 -1.31
C ALA B 129 -6.67 -8.09 -2.75
N GLY B 130 -5.76 -9.05 -2.93
CA GLY B 130 -5.30 -9.44 -4.24
C GLY B 130 -3.84 -9.13 -4.42
N VAL B 131 -3.07 -9.25 -3.33
CA VAL B 131 -1.63 -8.96 -3.34
C VAL B 131 -0.91 -9.65 -4.48
N ASP B 132 -0.28 -8.84 -5.32
CA ASP B 132 0.46 -9.36 -6.45
C ASP B 132 1.62 -8.43 -6.70
N MET B 133 2.74 -9.01 -7.13
CA MET B 133 3.95 -8.26 -7.42
C MET B 133 4.35 -8.63 -8.86
N PRO B 134 4.14 -7.71 -9.83
CA PRO B 134 3.56 -6.36 -9.76
C PRO B 134 2.04 -6.36 -9.53
N GLY B 135 1.57 -5.30 -8.88
CA GLY B 135 0.17 -5.18 -8.51
C GLY B 135 -0.86 -4.74 -9.52
N ALA B 136 -2.06 -4.47 -8.99
CA ALA B 136 -3.21 -4.03 -9.78
C ALA B 136 -2.94 -2.72 -10.48
N ASP B 137 -2.04 -1.90 -9.91
CA ASP B 137 -1.65 -0.62 -10.49
C ASP B 137 -0.93 -0.82 -11.80
N TYR B 138 -0.05 -1.82 -11.82
CA TYR B 138 0.70 -2.18 -13.01
C TYR B 138 -0.27 -2.75 -14.04
N GLN B 139 -1.13 -3.67 -13.58
CA GLN B 139 -2.11 -4.32 -14.45
C GLN B 139 -3.05 -3.33 -15.10
N LEU B 140 -3.49 -2.33 -14.33
CA LEU B 140 -4.37 -1.29 -14.86
C LEU B 140 -3.65 -0.36 -15.82
N THR B 141 -2.35 -0.14 -15.57
CA THR B 141 -1.54 0.71 -16.46
C THR B 141 -1.44 0.03 -17.83
N LYS B 142 -1.29 -1.30 -17.82
CA LYS B 142 -1.20 -2.08 -19.05
C LYS B 142 -2.56 -2.23 -19.73
N LEU B 143 -3.61 -2.51 -18.95
CA LEU B 143 -4.97 -2.69 -19.48
C LEU B 143 -5.55 -1.41 -20.09
N LEU B 144 -5.27 -0.28 -19.45
CA LEU B 144 -5.75 1.02 -19.92
C LEU B 144 -4.77 1.69 -20.86
N ASP B 145 -3.60 1.08 -21.06
CA ASP B 145 -2.53 1.59 -21.92
C ASP B 145 -2.16 3.03 -21.54
N LEU B 146 -1.92 3.23 -20.24
CA LEU B 146 -1.52 4.53 -19.72
C LEU B 146 -0.05 4.70 -20.01
N ASP B 147 0.44 5.92 -19.80
CA ASP B 147 1.85 6.26 -20.00
C ASP B 147 2.66 5.31 -19.11
N PRO B 148 3.69 4.63 -19.67
CA PRO B 148 4.48 3.70 -18.84
C PRO B 148 5.18 4.42 -17.67
N SER B 149 5.27 5.74 -17.79
CA SER B 149 5.86 6.62 -16.80
C SER B 149 4.86 7.21 -15.82
N VAL B 150 3.65 6.63 -15.78
CA VAL B 150 2.60 7.06 -14.85
C VAL B 150 3.14 6.73 -13.44
N LYS B 151 3.03 7.70 -12.54
CA LYS B 151 3.51 7.54 -11.17
C LYS B 151 2.44 6.83 -10.35
N ARG B 152 2.76 5.58 -10.02
CA ARG B 152 1.84 4.70 -9.30
C ARG B 152 1.98 4.52 -7.81
N PHE B 153 0.83 4.32 -7.18
CA PHE B 153 0.74 4.03 -5.76
C PHE B 153 -0.24 2.88 -5.65
N MET B 154 0.20 1.83 -4.98
CA MET B 154 -0.60 0.62 -4.83
C MET B 154 -0.83 0.31 -3.37
N PHE B 155 -2.11 0.29 -2.99
CA PHE B 155 -2.50 0.01 -1.61
C PHE B 155 -3.31 -1.26 -1.49
N TYR B 156 -2.73 -2.24 -0.80
CA TYR B 156 -3.42 -3.49 -0.55
C TYR B 156 -3.76 -3.58 0.92
N HIS B 157 -4.93 -4.15 1.20
CA HIS B 157 -5.39 -4.39 2.57
C HIS B 157 -5.54 -3.24 3.54
N LEU B 158 -6.07 -2.12 3.05
CA LEU B 158 -6.30 -0.99 3.92
C LEU B 158 -7.68 -1.14 4.55
N GLY B 159 -8.66 -1.43 3.70
CA GLY B 159 -10.00 -1.61 4.19
C GLY B 159 -10.91 -0.44 3.91
N CYS B 160 -11.98 -0.39 4.68
CA CYS B 160 -13.04 0.59 4.53
C CYS B 160 -12.84 2.08 4.74
N TYR B 161 -11.67 2.46 5.23
CA TYR B 161 -11.38 3.88 5.42
C TYR B 161 -10.67 4.45 4.21
N ALA B 162 -10.15 3.55 3.39
CA ALA B 162 -9.34 3.89 2.23
C ALA B 162 -9.85 4.85 1.18
N GLY B 163 -11.17 5.08 1.15
CA GLY B 163 -11.74 6.04 0.22
C GLY B 163 -11.23 7.43 0.59
N GLY B 164 -11.05 7.64 1.89
CA GLY B 164 -10.52 8.89 2.39
C GLY B 164 -9.02 8.96 2.19
N THR B 165 -8.33 7.82 2.34
CA THR B 165 -6.87 7.73 2.17
C THR B 165 -6.42 8.08 0.76
N VAL B 166 -7.15 7.56 -0.23
CA VAL B 166 -6.81 7.81 -1.62
C VAL B 166 -7.02 9.26 -2.02
N LEU B 167 -8.03 9.90 -1.40
CA LEU B 167 -8.29 11.32 -1.64
C LEU B 167 -7.23 12.16 -0.96
N ARG B 168 -6.79 11.70 0.21
CA ARG B 168 -5.75 12.37 0.99
C ARG B 168 -4.44 12.39 0.22
N LEU B 169 -4.17 11.27 -0.44
CA LEU B 169 -2.98 11.13 -1.26
C LEU B 169 -3.12 11.96 -2.54
N ALA B 170 -4.24 11.80 -3.24
CA ALA B 170 -4.50 12.52 -4.48
C ALA B 170 -4.43 14.02 -4.33
N LYS B 171 -4.86 14.51 -3.17
CA LYS B 171 -4.85 15.93 -2.87
C LYS B 171 -3.43 16.51 -2.88
N ASP B 172 -2.53 15.86 -2.16
CA ASP B 172 -1.14 16.30 -2.07
C ASP B 172 -0.39 16.16 -3.39
N ILE B 173 -0.72 15.12 -4.15
CA ILE B 173 -0.09 14.90 -5.45
C ILE B 173 -0.53 16.02 -6.41
N ALA B 174 -1.84 16.20 -6.54
CA ALA B 174 -2.42 17.19 -7.45
C ALA B 174 -1.99 18.63 -7.17
N GLU B 175 -1.89 18.97 -5.88
CA GLU B 175 -1.51 20.32 -5.48
C GLU B 175 -0.02 20.63 -5.49
N ASN B 176 0.81 19.58 -5.44
CA ASN B 176 2.25 19.78 -5.45
C ASN B 176 2.89 19.61 -6.83
N ASN B 177 2.14 19.04 -7.76
CA ASN B 177 2.63 18.82 -9.12
C ASN B 177 1.72 19.55 -10.10
N LYS B 178 2.24 20.63 -10.69
CA LYS B 178 1.48 21.44 -11.65
C LYS B 178 1.07 20.62 -12.86
N GLY B 179 -0.24 20.60 -13.12
CA GLY B 179 -0.79 19.86 -14.24
C GLY B 179 -1.04 18.39 -13.97
N ALA B 180 -0.72 17.93 -12.76
CA ALA B 180 -0.91 16.51 -12.40
C ALA B 180 -2.37 16.12 -12.45
N ARG B 181 -2.62 14.97 -13.06
CA ARG B 181 -3.97 14.45 -13.17
C ARG B 181 -3.89 13.03 -12.66
N VAL B 182 -4.54 12.82 -11.53
CA VAL B 182 -4.53 11.55 -10.81
C VAL B 182 -5.75 10.68 -11.04
N LEU B 183 -5.51 9.43 -11.44
CA LEU B 183 -6.58 8.46 -11.59
C LEU B 183 -6.54 7.58 -10.36
N ILE B 184 -7.64 7.57 -9.63
CA ILE B 184 -7.75 6.74 -8.44
C ILE B 184 -8.66 5.59 -8.82
N VAL B 185 -8.28 4.37 -8.47
CA VAL B 185 -9.12 3.21 -8.73
C VAL B 185 -9.21 2.40 -7.44
N CYS B 186 -10.41 2.35 -6.86
CA CYS B 186 -10.65 1.57 -5.67
C CYS B 186 -11.44 0.39 -6.18
N SER B 187 -10.79 -0.76 -6.29
CA SER B 187 -11.43 -1.96 -6.82
C SER B 187 -11.56 -3.03 -5.76
N GLU B 188 -12.80 -3.19 -5.29
CA GLU B 188 -13.09 -4.11 -4.20
C GLU B 188 -13.84 -5.37 -4.57
N MET B 189 -13.19 -6.49 -4.32
CA MET B 189 -13.72 -7.82 -4.58
C MET B 189 -13.65 -8.62 -3.28
N THR B 190 -14.72 -9.35 -3.00
CA THR B 190 -14.81 -10.14 -1.77
C THR B 190 -14.52 -11.64 -1.90
N THR B 191 -13.98 -12.06 -3.04
CA THR B 191 -13.64 -13.48 -3.27
C THR B 191 -12.57 -13.93 -2.26
N THR B 192 -11.80 -12.97 -1.78
CA THR B 192 -10.75 -13.17 -0.80
C THR B 192 -11.28 -13.49 0.61
N CYS B 193 -12.47 -12.96 0.91
CA CYS B 193 -13.05 -13.13 2.23
C CYS B 193 -14.36 -13.92 2.30
N PHE B 194 -14.91 -14.27 1.13
CA PHE B 194 -16.17 -15.02 1.10
C PHE B 194 -15.94 -16.42 1.67
N ARG B 195 -16.69 -16.74 2.72
CA ARG B 195 -16.57 -18.03 3.38
C ARG B 195 -17.85 -18.42 4.07
N GLY B 196 -17.88 -19.68 4.51
CA GLY B 196 -19.02 -20.21 5.23
C GLY B 196 -19.11 -19.65 6.63
N PRO B 197 -20.25 -19.83 7.32
CA PRO B 197 -20.44 -19.32 8.67
C PRO B 197 -19.81 -20.18 9.77
N SER B 198 -19.70 -19.58 10.96
CA SER B 198 -19.13 -20.24 12.12
C SER B 198 -19.94 -19.96 13.37
N GLU B 199 -20.15 -21.01 14.17
CA GLU B 199 -20.89 -20.90 15.43
C GLU B 199 -19.97 -20.35 16.53
N THR B 200 -18.67 -20.58 16.35
CA THR B 200 -17.64 -20.12 17.29
C THR B 200 -17.23 -18.66 17.04
N HIS B 201 -17.23 -18.26 15.77
CA HIS B 201 -16.89 -16.90 15.36
C HIS B 201 -18.09 -16.32 14.61
N LEU B 202 -19.10 -15.93 15.37
CA LEU B 202 -20.37 -15.38 14.87
C LEU B 202 -20.23 -14.10 14.05
N ASP B 203 -19.16 -13.36 14.28
CA ASP B 203 -18.90 -12.11 13.58
C ASP B 203 -18.34 -12.25 12.17
N SER B 204 -17.79 -13.43 11.85
CA SER B 204 -17.22 -13.68 10.52
C SER B 204 -18.26 -13.57 9.41
N MET B 205 -19.45 -14.09 9.68
CA MET B 205 -20.54 -14.07 8.70
C MET B 205 -21.15 -12.69 8.43
N ILE B 206 -20.80 -11.69 9.25
CA ILE B 206 -21.28 -10.31 9.03
C ILE B 206 -20.70 -9.87 7.68
N GLY B 207 -19.51 -10.39 7.37
CA GLY B 207 -18.85 -10.09 6.11
C GLY B 207 -19.64 -10.55 4.91
N GLN B 208 -20.31 -11.70 5.02
CA GLN B 208 -21.12 -12.22 3.93
C GLN B 208 -22.52 -11.63 3.91
N ALA B 209 -22.89 -10.95 4.99
CA ALA B 209 -24.20 -10.29 5.07
C ALA B 209 -24.11 -8.89 4.51
N ILE B 210 -22.97 -8.23 4.73
CA ILE B 210 -22.79 -6.85 4.31
C ILE B 210 -21.89 -6.49 3.14
N LEU B 211 -20.82 -7.27 2.92
CA LEU B 211 -19.87 -6.96 1.86
C LEU B 211 -20.27 -7.29 0.43
N GLY B 212 -20.20 -6.26 -0.40
CA GLY B 212 -20.50 -6.38 -1.81
C GLY B 212 -19.27 -6.01 -2.62
N ASP B 213 -19.29 -6.33 -3.90
CA ASP B 213 -18.18 -6.02 -4.78
C ASP B 213 -18.47 -4.79 -5.60
N GLY B 214 -17.42 -4.05 -5.92
CA GLY B 214 -17.60 -2.84 -6.69
C GLY B 214 -16.30 -2.10 -6.84
N ALA B 215 -16.19 -1.37 -7.95
CA ALA B 215 -15.02 -0.57 -8.22
C ALA B 215 -15.46 0.84 -8.52
N ALA B 216 -14.67 1.79 -8.03
CA ALA B 216 -14.94 3.18 -8.27
C ALA B 216 -13.64 3.84 -8.68
N ALA B 217 -13.74 4.71 -9.67
CA ALA B 217 -12.58 5.42 -10.14
C ALA B 217 -12.86 6.89 -10.21
N VAL B 218 -11.89 7.70 -9.79
CA VAL B 218 -12.05 9.14 -9.85
C VAL B 218 -10.82 9.82 -10.41
N ILE B 219 -11.03 10.96 -11.06
CA ILE B 219 -9.92 11.75 -11.57
C ILE B 219 -9.83 12.96 -10.65
N VAL B 220 -8.64 13.20 -10.13
CA VAL B 220 -8.37 14.32 -9.24
C VAL B 220 -7.26 15.18 -9.85
N GLY B 221 -7.46 16.49 -9.80
CA GLY B 221 -6.48 17.43 -10.32
C GLY B 221 -6.75 18.82 -9.80
N ALA B 222 -5.69 19.61 -9.68
CA ALA B 222 -5.81 21.00 -9.25
C ALA B 222 -5.77 21.86 -10.50
N ASP B 223 -6.30 23.09 -10.39
CA ASP B 223 -6.36 24.07 -11.49
C ASP B 223 -7.08 23.49 -12.72
N PRO B 224 -8.41 23.31 -12.62
CA PRO B 224 -9.18 22.75 -13.74
C PRO B 224 -9.21 23.64 -14.97
N ASP B 225 -9.08 23.00 -16.14
CA ASP B 225 -9.16 23.69 -17.42
C ASP B 225 -10.66 23.64 -17.69
N LEU B 226 -11.35 24.72 -17.30
CA LEU B 226 -12.80 24.85 -17.42
C LEU B 226 -13.44 24.74 -18.80
N THR B 227 -12.60 24.68 -19.83
CA THR B 227 -13.07 24.55 -21.21
C THR B 227 -13.25 23.07 -21.62
N VAL B 228 -12.79 22.16 -20.76
CA VAL B 228 -12.90 20.73 -21.00
C VAL B 228 -13.23 19.93 -19.72
N GLU B 229 -12.57 20.26 -18.62
CA GLU B 229 -12.78 19.59 -17.34
C GLU B 229 -13.94 20.20 -16.59
N ARG B 230 -14.68 19.34 -15.89
CA ARG B 230 -15.86 19.73 -15.15
C ARG B 230 -15.77 19.28 -13.70
N PRO B 231 -15.43 20.21 -12.78
CA PRO B 231 -15.31 19.96 -11.35
C PRO B 231 -16.59 19.42 -10.73
N ILE B 232 -16.45 18.50 -9.78
CA ILE B 232 -17.59 17.90 -9.08
C ILE B 232 -17.49 18.28 -7.61
N PHE B 233 -16.33 18.01 -7.00
CA PHE B 233 -16.09 18.33 -5.59
C PHE B 233 -14.66 18.75 -5.39
N GLU B 234 -14.44 19.71 -4.50
CA GLU B 234 -13.09 20.15 -4.17
C GLU B 234 -12.68 19.48 -2.88
N LEU B 235 -11.41 19.05 -2.82
CA LEU B 235 -10.84 18.40 -1.64
C LEU B 235 -10.19 19.52 -0.84
N VAL B 236 -10.90 20.00 0.18
CA VAL B 236 -10.44 21.12 1.01
C VAL B 236 -9.35 20.74 2.01
N SER B 237 -9.61 19.73 2.83
CA SER B 237 -8.65 19.28 3.82
C SER B 237 -8.89 17.82 4.09
N THR B 238 -7.85 17.16 4.59
CA THR B 238 -7.92 15.75 4.89
C THR B 238 -7.27 15.48 6.24
N ALA B 239 -7.74 14.42 6.89
CA ALA B 239 -7.24 14.03 8.20
C ALA B 239 -7.45 12.54 8.37
N GLN B 240 -6.64 11.95 9.23
CA GLN B 240 -6.75 10.54 9.55
C GLN B 240 -6.50 10.43 11.04
N THR B 241 -7.30 9.62 11.72
CA THR B 241 -7.13 9.44 13.15
C THR B 241 -7.51 8.04 13.59
N ILE B 242 -7.00 7.68 14.76
CA ILE B 242 -7.30 6.39 15.37
C ILE B 242 -8.24 6.71 16.52
N VAL B 243 -9.41 6.06 16.52
CA VAL B 243 -10.42 6.26 17.57
C VAL B 243 -9.87 5.73 18.90
N PRO B 244 -9.95 6.55 19.98
CA PRO B 244 -9.43 6.12 21.29
C PRO B 244 -10.16 4.88 21.82
N GLU B 245 -9.39 4.01 22.48
CA GLU B 245 -9.86 2.75 23.11
C GLU B 245 -10.61 1.81 22.15
N SER B 246 -10.15 1.80 20.89
CA SER B 246 -10.78 0.98 19.85
C SER B 246 -9.93 -0.18 19.33
N HIS B 247 -8.83 -0.48 20.03
CA HIS B 247 -7.92 -1.57 19.64
C HIS B 247 -8.60 -2.92 19.46
N GLY B 248 -8.38 -3.51 18.28
CA GLY B 248 -8.91 -4.81 17.94
C GLY B 248 -10.36 -4.92 17.53
N ALA B 249 -11.05 -3.78 17.43
CA ALA B 249 -12.47 -3.76 17.06
C ALA B 249 -12.79 -4.19 15.63
N ILE B 250 -11.92 -3.83 14.68
CA ILE B 250 -12.09 -4.22 13.27
C ILE B 250 -10.75 -4.81 12.83
N GLU B 251 -10.73 -6.12 12.61
CA GLU B 251 -9.51 -6.80 12.17
C GLU B 251 -9.70 -7.73 10.99
N GLY B 252 -8.62 -7.88 10.23
CA GLY B 252 -8.61 -8.75 9.07
C GLY B 252 -7.21 -9.32 8.93
N HIS B 253 -7.10 -10.63 8.80
CA HIS B 253 -5.81 -11.30 8.67
C HIS B 253 -5.80 -12.13 7.40
N LEU B 254 -4.73 -12.03 6.62
CA LEU B 254 -4.60 -12.81 5.39
C LEU B 254 -3.97 -14.14 5.76
N LEU B 255 -4.84 -15.14 5.86
CA LEU B 255 -4.46 -16.50 6.23
C LEU B 255 -4.51 -17.45 5.04
N GLU B 256 -4.18 -18.72 5.31
CA GLU B 256 -4.19 -19.78 4.30
C GLU B 256 -5.61 -20.01 3.76
N SER B 257 -6.59 -19.58 4.55
CA SER B 257 -8.01 -19.68 4.22
C SER B 257 -8.56 -18.38 3.63
N GLY B 258 -7.66 -17.45 3.30
CA GLY B 258 -8.05 -16.17 2.75
C GLY B 258 -8.11 -15.09 3.81
N LEU B 259 -8.77 -13.98 3.48
CA LEU B 259 -8.88 -12.86 4.41
C LEU B 259 -9.99 -13.08 5.44
N SER B 260 -9.62 -13.07 6.72
CA SER B 260 -10.56 -13.25 7.82
C SER B 260 -11.30 -11.95 8.12
N PHE B 261 -12.45 -12.07 8.78
CA PHE B 261 -13.29 -10.93 9.14
C PHE B 261 -13.55 -10.96 10.64
N HIS B 262 -13.15 -9.89 11.32
CA HIS B 262 -13.37 -9.74 12.76
C HIS B 262 -13.98 -8.36 12.98
N LEU B 263 -15.16 -8.35 13.60
CA LEU B 263 -15.87 -7.11 13.87
C LEU B 263 -16.54 -7.24 15.24
N TYR B 264 -16.08 -6.44 16.20
CA TYR B 264 -16.64 -6.48 17.54
C TYR B 264 -17.90 -5.60 17.60
N LYS B 265 -18.80 -5.93 18.52
CA LYS B 265 -20.07 -5.23 18.70
C LYS B 265 -19.99 -3.76 19.13
N THR B 266 -18.78 -3.34 19.52
CA THR B 266 -18.52 -1.97 19.96
C THR B 266 -18.27 -0.97 18.84
N VAL B 267 -18.08 -1.47 17.62
CA VAL B 267 -17.80 -0.62 16.45
C VAL B 267 -18.76 0.57 16.21
N PRO B 268 -20.12 0.36 16.25
CA PRO B 268 -21.00 1.51 16.03
C PRO B 268 -20.88 2.60 17.09
N THR B 269 -20.74 2.20 18.35
CA THR B 269 -20.60 3.16 19.46
C THR B 269 -19.27 3.88 19.45
N LEU B 270 -18.18 3.16 19.13
CA LEU B 270 -16.85 3.73 19.09
C LEU B 270 -16.71 4.78 18.00
N ILE B 271 -17.30 4.51 16.84
CA ILE B 271 -17.26 5.44 15.72
C ILE B 271 -18.17 6.65 15.99
N SER B 272 -19.43 6.39 16.34
CA SER B 272 -20.39 7.47 16.59
C SER B 272 -20.08 8.42 17.74
N ASN B 273 -19.40 7.93 18.78
CA ASN B 273 -19.03 8.75 19.92
C ASN B 273 -17.78 9.59 19.66
N ASN B 274 -17.10 9.31 18.53
CA ASN B 274 -15.88 10.01 18.14
C ASN B 274 -16.06 10.92 16.92
N ILE B 275 -17.19 10.81 16.23
CA ILE B 275 -17.46 11.63 15.03
C ILE B 275 -17.45 13.14 15.27
N LYS B 276 -17.98 13.57 16.41
CA LYS B 276 -18.01 15.00 16.76
C LYS B 276 -16.62 15.60 16.92
N THR B 277 -15.66 14.77 17.36
CA THR B 277 -14.26 15.19 17.54
C THR B 277 -13.63 15.35 16.15
N CYS B 278 -13.92 14.42 15.23
CA CYS B 278 -13.41 14.46 13.87
C CYS B 278 -13.96 15.67 13.12
N LEU B 279 -15.24 15.96 13.36
CA LEU B 279 -15.93 17.09 12.75
C LEU B 279 -15.38 18.41 13.29
N SER B 280 -15.13 18.46 14.61
CA SER B 280 -14.59 19.65 15.25
C SER B 280 -13.17 19.97 14.76
N ASP B 281 -12.33 18.93 14.65
CA ASP B 281 -10.95 19.09 14.18
C ASP B 281 -10.87 19.55 12.73
N ALA B 282 -11.81 19.09 11.92
CA ALA B 282 -11.88 19.42 10.51
C ALA B 282 -12.57 20.75 10.21
N PHE B 283 -13.61 21.06 10.97
CA PHE B 283 -14.40 22.26 10.72
C PHE B 283 -14.22 23.52 11.54
N THR B 284 -13.54 23.43 12.69
CA THR B 284 -13.28 24.63 13.51
C THR B 284 -12.36 25.64 12.77
N PRO B 285 -11.33 25.19 11.98
CA PRO B 285 -10.51 26.19 11.29
C PRO B 285 -11.28 26.92 10.17
N LEU B 286 -12.42 26.32 9.79
CA LEU B 286 -13.30 26.85 8.74
C LEU B 286 -14.52 27.58 9.33
N ASN B 287 -14.56 27.67 10.67
CA ASN B 287 -15.62 28.32 11.45
C ASN B 287 -17.03 27.74 11.26
N ILE B 288 -17.10 26.43 11.06
CA ILE B 288 -18.36 25.72 10.86
C ILE B 288 -18.61 24.83 12.08
N SER B 289 -19.79 24.97 12.67
CA SER B 289 -20.19 24.20 13.85
C SER B 289 -21.51 23.45 13.64
N ASP B 290 -22.29 23.89 12.65
CA ASP B 290 -23.57 23.27 12.32
C ASP B 290 -23.32 22.10 11.38
N TRP B 291 -23.49 20.90 11.92
CA TRP B 291 -23.25 19.68 11.14
C TRP B 291 -24.33 19.35 10.12
N ASN B 292 -25.47 20.03 10.27
CA ASN B 292 -26.60 19.87 9.36
C ASN B 292 -26.48 20.77 8.14
N SER B 293 -25.54 21.72 8.19
CA SER B 293 -25.31 22.66 7.10
C SER B 293 -24.36 22.02 6.07
N LEU B 294 -23.88 20.82 6.40
CA LEU B 294 -22.97 20.07 5.55
C LEU B 294 -23.64 18.94 4.81
N PHE B 295 -23.12 18.62 3.62
CA PHE B 295 -23.62 17.45 2.90
C PHE B 295 -22.74 16.31 3.43
N TRP B 296 -23.33 15.14 3.58
CA TRP B 296 -22.64 14.01 4.14
C TRP B 296 -22.43 12.80 3.26
N ILE B 297 -21.18 12.34 3.20
CA ILE B 297 -20.80 11.15 2.45
C ILE B 297 -20.07 10.31 3.49
N ALA B 298 -20.78 9.37 4.11
CA ALA B 298 -20.16 8.53 5.13
C ALA B 298 -20.08 7.10 4.68
N HIS B 299 -18.99 6.43 5.04
CA HIS B 299 -18.84 5.02 4.69
C HIS B 299 -19.92 4.24 5.45
N PRO B 300 -20.82 3.54 4.73
CA PRO B 300 -21.88 2.78 5.40
C PRO B 300 -21.44 1.39 5.86
N GLY B 301 -20.63 1.36 6.92
CA GLY B 301 -20.13 0.11 7.48
C GLY B 301 -21.25 -0.78 7.98
N GLY B 302 -22.37 -0.14 8.30
CA GLY B 302 -23.57 -0.80 8.78
C GLY B 302 -24.62 0.23 9.11
N PRO B 303 -25.91 -0.15 9.19
CA PRO B 303 -27.01 0.78 9.50
C PRO B 303 -26.92 1.33 10.93
N ALA B 304 -26.33 0.55 11.83
CA ALA B 304 -26.15 0.93 13.23
C ALA B 304 -25.19 2.12 13.35
N ILE B 305 -24.15 2.14 12.52
CA ILE B 305 -23.19 3.24 12.50
C ILE B 305 -23.91 4.50 12.00
N LEU B 306 -24.69 4.35 10.93
CA LEU B 306 -25.44 5.45 10.34
C LEU B 306 -26.54 6.02 11.24
N ASP B 307 -27.25 5.13 11.96
CA ASP B 307 -28.32 5.53 12.87
C ASP B 307 -27.76 6.26 14.09
N GLN B 308 -26.67 5.72 14.64
CA GLN B 308 -26.01 6.30 15.80
C GLN B 308 -25.27 7.59 15.49
N VAL B 309 -24.72 7.72 14.27
CA VAL B 309 -24.03 8.95 13.85
C VAL B 309 -25.10 10.03 13.71
N THR B 310 -26.24 9.69 13.10
CA THR B 310 -27.36 10.62 12.91
C THR B 310 -27.91 11.12 14.25
N ALA B 311 -28.02 10.21 15.21
CA ALA B 311 -28.53 10.52 16.54
C ALA B 311 -27.62 11.36 17.43
N LYS B 312 -26.35 10.94 17.54
CA LYS B 312 -25.36 11.61 18.39
C LYS B 312 -24.76 12.91 17.85
N VAL B 313 -24.75 13.06 16.52
CA VAL B 313 -24.22 14.26 15.86
C VAL B 313 -25.38 15.27 15.73
N GLY B 314 -26.60 14.76 15.83
CA GLY B 314 -27.79 15.60 15.74
C GLY B 314 -28.20 15.94 14.31
N LEU B 315 -27.97 14.99 13.40
CA LEU B 315 -28.32 15.18 12.00
C LEU B 315 -29.79 14.96 11.73
N GLU B 316 -30.29 15.67 10.71
CA GLU B 316 -31.69 15.54 10.28
C GLU B 316 -31.82 14.13 9.71
N LYS B 317 -33.01 13.54 9.86
CA LYS B 317 -33.30 12.17 9.42
C LYS B 317 -32.86 11.78 8.00
N GLU B 318 -33.04 12.70 7.06
CA GLU B 318 -32.68 12.45 5.66
C GLU B 318 -31.30 12.95 5.21
N LYS B 319 -30.45 13.34 6.17
CA LYS B 319 -29.11 13.83 5.85
C LYS B 319 -28.22 12.77 5.18
N LEU B 320 -28.33 11.54 5.68
CA LEU B 320 -27.55 10.43 5.14
C LEU B 320 -28.35 9.63 4.11
N LYS B 321 -29.32 10.27 3.46
CA LYS B 321 -30.18 9.62 2.45
C LYS B 321 -29.44 8.92 1.32
N VAL B 322 -28.49 9.62 0.70
CA VAL B 322 -27.70 9.07 -0.41
C VAL B 322 -26.81 7.93 0.07
N THR B 323 -26.22 8.10 1.25
CA THR B 323 -25.37 7.08 1.87
C THR B 323 -26.16 5.78 2.09
N ARG B 324 -27.37 5.94 2.64
CA ARG B 324 -28.26 4.80 2.89
C ARG B 324 -28.75 4.15 1.61
N GLN B 325 -28.96 4.95 0.57
CA GLN B 325 -29.44 4.47 -0.73
C GLN B 325 -28.38 3.61 -1.41
N VAL B 326 -27.12 4.01 -1.30
CA VAL B 326 -26.02 3.24 -1.89
C VAL B 326 -25.83 1.93 -1.13
N LEU B 327 -26.00 1.97 0.20
CA LEU B 327 -25.90 0.76 1.03
C LEU B 327 -27.03 -0.19 0.61
N LYS B 328 -28.20 0.38 0.35
CA LYS B 328 -29.38 -0.37 -0.07
C LYS B 328 -29.19 -1.02 -1.44
N ASP B 329 -28.62 -0.28 -2.38
CA ASP B 329 -28.44 -0.75 -3.75
C ASP B 329 -27.19 -1.57 -4.04
N TYR B 330 -26.16 -1.46 -3.21
CA TYR B 330 -24.90 -2.16 -3.48
C TYR B 330 -24.22 -2.84 -2.30
N GLY B 331 -24.67 -2.50 -1.08
CA GLY B 331 -24.05 -3.05 0.10
C GLY B 331 -22.77 -2.30 0.42
N ASN B 332 -21.97 -2.88 1.30
CA ASN B 332 -20.69 -2.31 1.73
C ASN B 332 -19.62 -2.78 0.74
N MET B 333 -19.19 -1.88 -0.14
CA MET B 333 -18.16 -2.20 -1.14
C MET B 333 -16.81 -1.67 -0.72
N SER B 334 -16.53 -1.74 0.58
CA SER B 334 -15.28 -1.29 1.19
C SER B 334 -14.84 0.12 0.77
N SER B 335 -13.61 0.30 0.30
CA SER B 335 -13.11 1.64 -0.08
C SER B 335 -13.81 2.34 -1.25
N ALA B 336 -14.48 1.55 -2.08
CA ALA B 336 -15.20 2.10 -3.25
C ALA B 336 -16.52 2.75 -2.91
N THR B 337 -17.12 2.35 -1.80
CA THR B 337 -18.45 2.84 -1.40
C THR B 337 -18.66 4.33 -1.35
N VAL B 338 -17.74 5.06 -0.73
CA VAL B 338 -17.88 6.51 -0.62
C VAL B 338 -17.92 7.21 -1.97
N PHE B 339 -17.33 6.59 -2.99
CA PHE B 339 -17.34 7.17 -4.32
C PHE B 339 -18.64 6.93 -5.04
N PHE B 340 -19.30 5.82 -4.72
CA PHE B 340 -20.62 5.51 -5.28
C PHE B 340 -21.60 6.53 -4.67
N ILE B 341 -21.38 6.86 -3.40
CA ILE B 341 -22.21 7.85 -2.68
C ILE B 341 -21.98 9.22 -3.27
N MET B 342 -20.72 9.55 -3.52
CA MET B 342 -20.31 10.82 -4.10
C MET B 342 -20.94 10.99 -5.49
N ASP B 343 -20.92 9.90 -6.25
CA ASP B 343 -21.48 9.85 -7.61
C ASP B 343 -23.00 10.05 -7.57
N GLU B 344 -23.66 9.31 -6.68
CA GLU B 344 -25.11 9.39 -6.56
C GLU B 344 -25.58 10.73 -5.98
N MET B 345 -24.77 11.33 -5.12
CA MET B 345 -25.11 12.63 -4.54
C MET B 345 -25.19 13.73 -5.59
N ARG B 346 -24.19 13.79 -6.47
CA ARG B 346 -24.20 14.81 -7.52
C ARG B 346 -25.29 14.58 -8.56
N LYS B 347 -25.64 13.29 -8.75
CA LYS B 347 -26.67 12.88 -9.70
C LYS B 347 -28.04 13.29 -9.16
N LYS B 348 -28.29 13.00 -7.88
CA LYS B 348 -29.53 13.33 -7.22
C LYS B 348 -29.70 14.84 -7.05
N SER B 349 -28.58 15.54 -6.84
CA SER B 349 -28.59 17.00 -6.70
C SER B 349 -29.02 17.66 -8.01
N LEU B 350 -28.56 17.08 -9.12
CA LEU B 350 -28.89 17.54 -10.47
C LEU B 350 -30.38 17.29 -10.75
N GLU B 351 -30.84 16.09 -10.39
CA GLU B 351 -32.25 15.69 -10.59
C GLU B 351 -33.24 16.46 -9.73
N ASN B 352 -32.82 16.83 -8.52
CA ASN B 352 -33.67 17.57 -7.58
C ASN B 352 -33.62 19.08 -7.82
N GLY B 353 -32.90 19.49 -8.86
CA GLY B 353 -32.76 20.89 -9.23
C GLY B 353 -32.05 21.76 -8.22
N GLN B 354 -31.13 21.16 -7.48
CA GLN B 354 -30.37 21.86 -6.46
C GLN B 354 -29.18 22.60 -7.06
N ALA B 355 -28.83 23.72 -6.43
CA ALA B 355 -27.76 24.61 -6.87
C ALA B 355 -26.35 24.06 -6.91
N THR B 356 -26.06 23.07 -6.07
CA THR B 356 -24.72 22.49 -6.04
C THR B 356 -24.74 20.96 -6.09
N THR B 357 -23.55 20.39 -6.31
CA THR B 357 -23.34 18.94 -6.39
C THR B 357 -23.48 18.28 -5.02
N GLY B 358 -23.48 19.11 -3.97
CA GLY B 358 -23.62 18.62 -2.63
C GLY B 358 -24.95 18.99 -2.00
N GLU B 359 -26.03 18.59 -2.67
CA GLU B 359 -27.42 18.83 -2.23
C GLU B 359 -27.77 20.30 -1.98
N GLY B 360 -27.16 21.19 -2.76
CA GLY B 360 -27.40 22.62 -2.64
C GLY B 360 -26.51 23.29 -1.60
N LEU B 361 -25.84 22.50 -0.78
CA LEU B 361 -24.97 23.01 0.27
C LEU B 361 -23.54 23.24 -0.21
N GLU B 362 -22.84 24.14 0.47
CA GLU B 362 -21.48 24.50 0.12
C GLU B 362 -20.41 23.53 0.59
N TRP B 363 -20.39 23.31 1.90
CA TRP B 363 -19.39 22.45 2.51
C TRP B 363 -19.92 21.09 2.86
N GLY B 364 -19.02 20.12 2.85
CA GLY B 364 -19.42 18.77 3.18
C GLY B 364 -18.31 17.97 3.79
N VAL B 365 -18.64 16.75 4.16
CA VAL B 365 -17.69 15.86 4.77
C VAL B 365 -17.80 14.45 4.24
N LEU B 366 -16.64 13.85 4.00
CA LEU B 366 -16.53 12.49 3.55
C LEU B 366 -15.84 11.75 4.68
N PHE B 367 -16.45 10.65 5.08
CA PHE B 367 -15.90 9.83 6.14
C PHE B 367 -15.60 8.42 5.69
N GLY B 368 -14.43 7.96 6.08
CA GLY B 368 -14.02 6.59 5.80
C GLY B 368 -13.80 5.98 7.16
N PHE B 369 -14.35 4.78 7.40
CA PHE B 369 -14.20 4.08 8.68
C PHE B 369 -13.63 2.70 8.43
N GLY B 370 -12.65 2.28 9.22
CA GLY B 370 -12.09 0.96 9.00
C GLY B 370 -11.14 0.49 10.08
N PRO B 371 -10.31 -0.53 9.79
CA PRO B 371 -9.33 -1.10 10.73
C PRO B 371 -8.48 -0.09 11.50
N GLY B 372 -8.49 -0.21 12.82
CA GLY B 372 -7.73 0.68 13.69
C GLY B 372 -8.31 0.87 15.10
N ILE B 373 -9.51 1.44 15.28
CA ILE B 373 -10.40 1.97 14.23
C ILE B 373 -9.87 3.28 13.67
N THR B 374 -9.76 3.31 12.35
CA THR B 374 -9.28 4.47 11.64
C THR B 374 -10.43 5.23 11.02
N VAL B 375 -10.40 6.55 11.20
CA VAL B 375 -11.39 7.43 10.61
C VAL B 375 -10.65 8.41 9.73
N GLU B 376 -11.05 8.47 8.47
CA GLU B 376 -10.49 9.40 7.50
C GLU B 376 -11.56 10.46 7.34
N THR B 377 -11.18 11.72 7.54
CA THR B 377 -12.10 12.84 7.44
C THR B 377 -11.64 13.77 6.33
N VAL B 378 -12.47 13.86 5.29
CA VAL B 378 -12.17 14.72 4.15
C VAL B 378 -13.22 15.81 4.08
N VAL B 379 -12.78 17.06 4.17
CA VAL B 379 -13.69 18.19 4.05
C VAL B 379 -13.81 18.43 2.55
N LEU B 380 -15.05 18.51 2.09
CA LEU B 380 -15.34 18.73 0.69
C LEU B 380 -16.06 20.03 0.47
N ARG B 381 -15.94 20.56 -0.74
CA ARG B 381 -16.66 21.75 -1.13
C ARG B 381 -17.32 21.37 -2.43
N SER B 382 -18.61 21.68 -2.53
CA SER B 382 -19.38 21.38 -3.72
C SER B 382 -19.06 22.34 -4.86
N VAL B 383 -19.62 22.05 -6.03
CA VAL B 383 -19.44 22.86 -7.24
C VAL B 383 -20.85 23.11 -7.80
N PRO B 384 -21.12 24.29 -8.40
CA PRO B 384 -22.46 24.57 -8.95
C PRO B 384 -22.96 23.60 -10.03
N VAL B 385 -24.28 23.46 -10.07
CA VAL B 385 -24.96 22.62 -11.05
C VAL B 385 -25.57 23.58 -12.10
C1 HC4 C . 12.50 -7.16 -4.93
O1 HC4 C . 11.44 -6.72 -5.38
C2 HC4 C . 12.85 -8.65 -5.12
C3 HC4 C . 14.38 -8.88 -5.17
C1' HC4 C . 14.82 -10.18 -5.36
C2' HC4 C . 16.09 -10.42 -5.92
C3' HC4 C . 16.51 -11.74 -6.28
C4' HC4 C . 15.64 -12.83 -6.05
C5' HC4 C . 14.37 -12.62 -5.47
C6' HC4 C . 13.97 -11.30 -5.13
O4' HC4 C . 15.97 -14.07 -6.53
C1 HC4 D . -13.80 -2.49 5.79
O1 HC4 D . -13.17 -2.05 6.76
C2 HC4 D . -13.80 -3.96 5.45
C3 HC4 D . -12.77 -4.70 6.33
C1' HC4 D . -12.55 -6.03 6.04
C2' HC4 D . -11.79 -6.83 6.92
C3' HC4 D . -11.64 -8.21 6.71
C4' HC4 D . -12.27 -8.81 5.61
C5' HC4 D . -13.03 -8.06 4.72
C6' HC4 D . -13.17 -6.68 4.94
O4' HC4 D . -12.30 -10.18 5.53
#